data_9OGA
#
_entry.id   9OGA
#
_cell.length_a   1.00
_cell.length_b   1.00
_cell.length_c   1.00
_cell.angle_alpha   90.00
_cell.angle_beta   90.00
_cell.angle_gamma   90.00
#
_symmetry.space_group_name_H-M   'P 1'
#
loop_
_entity.id
_entity.type
_entity.pdbx_description
1 polymer Exportin-1
2 non-polymer 'selinexor, bound form'
#
_entity_poly.entity_id   1
_entity_poly.type   'polypeptide(L)'
_entity_poly.pdbx_seq_one_letter_code
;GSMPAIMTMLADHAARQLLDFSQKLDINLLDNVVNCLYHGEGAQQRMAQEVLTHLKEHPDAWTRVDTILEFSQNMNTKYY
GLQILENVIKTRWKILPRNQCEGIKKYVVGLIIKTSSDPTCVEKEKVYIGKLNMILVQILKQEWPKHWPTFISDIVGASR
TSESLCQNNMVILKLLSEEVFDFSSGQITQVKSKHLKDSMCNEFSQIFQLCQFVMENSQNAPLVHATLETLLRFLNWIPL
GYIFETKLISTLIYKFLNVPMFRNVSLKCLTEIAGVSVSQYEEQFVTLFTLTMMQLKQMLPLNTNIRLAYSNGKDDEQNF
IQNLSLFLCTFLKEHDQLIEKRLNLRETLMEALHYMLLVSEVEETEIFKICLEYWNHLAAELYRESPFSTSASPLLSGSQ
HFDVPPRRQLYLPMLFKVRLLMVSRMAKPEEVLVVENDQGEVVREFMKDTDSINLYKNMRETLVYLTHLDYVDTERIMTE
KLHNQVNGTEWSWKNLNTLCWAIGSISGAMHEEDEKRFLVTVIKDLLGLCEQKRGKDNKAIIASNIMYIVGQYPRFLRAH
WKFLKTVVNKLFEFMHETHDGVQDMACDTFIKIAQKCRRHFVQVQVGEVMPFIDEILNNINTIICDLQPQQVHTFYEAVG
YMIGAQTDQTVQEHLIEKYMLLPNQVWDSIIQQATKNVDILKDPETVKQLGSILKTNVRACKAVGHPFVIQLGRIYLDML
NVYKCLSENISAAIQANGEMVTKQPLIRSMRTVKRETLKLISGWVSRSNDPQMVAENFVPPLLDAVLIDYQRNVPAAREP
EVLSTMAIIVNKLGGHITAEIPQIFDAVFECTLNMINKDFEEYPEHRTNFFLLLQAVNSHCFPAFLAIPPTQFKLVLDSI
IWAFKHTMRNVADTGLQILFTLLQNVAQEEAAAQSFYQTYFCDILQHIFSVVTDTSHTAGLTMHASILAYMFNLVEEGKI
STSLNPGNPVNNQIFLQEYVANLLKSAFPHLQDAQVKLFVTGLFSLNQDIPAFKEHLRDFLVQIKEFAGEDTSDLFLEER
EIALRQADEEKHKRQMSVPGIFNPHEIPEEMCD
;
_entity_poly.pdbx_strand_id   A
#
loop_
_chem_comp.id
_chem_comp.type
_chem_comp.name
_chem_comp.formula
V6A non-polymer 'selinexor, bound form' 'C17 H13 F6 N7 O'
#
# COMPACT_ATOMS: atom_id res chain seq x y z
N ILE A 129 -14.93 13.63 -39.57
CA ILE A 129 -14.56 12.22 -39.45
C ILE A 129 -14.68 11.76 -38.01
N GLY A 130 -14.51 12.70 -37.07
CA GLY A 130 -14.56 12.34 -35.67
C GLY A 130 -15.87 11.70 -35.27
N LYS A 131 -16.99 12.21 -35.81
CA LYS A 131 -18.29 11.66 -35.47
C LYS A 131 -18.39 10.21 -35.95
N LEU A 132 -17.87 9.92 -37.14
CA LEU A 132 -17.86 8.55 -37.62
C LEU A 132 -17.07 7.65 -36.69
N ASN A 133 -15.90 8.11 -36.24
CA ASN A 133 -15.09 7.32 -35.32
C ASN A 133 -15.84 7.06 -34.02
N MET A 134 -16.49 8.08 -33.47
CA MET A 134 -17.23 7.90 -32.22
C MET A 134 -18.38 6.94 -32.40
N ILE A 135 -19.10 7.06 -33.52
CA ILE A 135 -20.23 6.16 -33.78
C ILE A 135 -19.74 4.73 -33.89
N LEU A 136 -18.64 4.51 -34.61
CA LEU A 136 -18.10 3.16 -34.73
C LEU A 136 -17.62 2.64 -33.37
N VAL A 137 -17.05 3.51 -32.55
CA VAL A 137 -16.62 3.09 -31.21
C VAL A 137 -17.83 2.63 -30.40
N GLN A 138 -18.92 3.41 -30.44
CA GLN A 138 -20.12 3.03 -29.71
C GLN A 138 -20.69 1.72 -30.23
N ILE A 139 -20.69 1.55 -31.56
CA ILE A 139 -21.19 0.31 -32.15
C ILE A 139 -20.34 -0.88 -31.70
N LEU A 140 -19.03 -0.69 -31.64
CA LEU A 140 -18.15 -1.76 -31.18
C LEU A 140 -18.42 -2.10 -29.72
N LYS A 141 -18.68 -1.08 -28.90
CA LYS A 141 -19.04 -1.34 -27.51
C LYS A 141 -20.30 -2.18 -27.40
N GLN A 142 -21.16 -2.16 -28.41
CA GLN A 142 -22.39 -2.95 -28.42
C GLN A 142 -22.10 -4.40 -28.86
N GLU A 143 -21.18 -5.03 -28.15
CA GLU A 143 -20.86 -6.45 -28.32
C GLU A 143 -20.42 -6.75 -29.76
N TRP A 144 -19.26 -6.18 -30.10
CA TRP A 144 -18.57 -6.49 -31.35
C TRP A 144 -18.60 -7.98 -31.72
N PRO A 145 -18.17 -8.90 -30.85
CA PRO A 145 -18.17 -10.33 -31.23
C PRO A 145 -19.56 -10.92 -31.43
N LYS A 146 -20.62 -10.16 -31.15
CA LYS A 146 -21.99 -10.60 -31.41
C LYS A 146 -22.69 -9.79 -32.48
N HIS A 147 -22.52 -8.47 -32.47
CA HIS A 147 -23.21 -7.61 -33.43
C HIS A 147 -22.42 -7.44 -34.72
N TRP A 148 -21.10 -7.35 -34.62
CA TRP A 148 -20.24 -7.14 -35.78
C TRP A 148 -19.02 -8.06 -35.76
N PRO A 149 -19.21 -9.38 -35.65
CA PRO A 149 -18.09 -10.31 -35.65
C PRO A 149 -17.43 -10.44 -37.02
N ILE A 152 -14.19 -6.93 -38.97
CA ILE A 152 -13.24 -7.67 -39.77
C ILE A 152 -13.67 -7.63 -41.24
N SER A 153 -14.98 -7.64 -41.45
CA SER A 153 -15.50 -7.61 -42.81
C SER A 153 -15.15 -6.31 -43.52
N ASP A 154 -15.05 -5.21 -42.78
CA ASP A 154 -14.73 -3.94 -43.42
C ASP A 154 -13.34 -3.97 -44.02
N ILE A 155 -12.52 -4.96 -43.64
CA ILE A 155 -11.16 -5.01 -44.13
C ILE A 155 -11.20 -5.14 -45.64
N VAL A 156 -12.28 -5.73 -46.18
CA VAL A 156 -12.35 -5.95 -47.61
C VAL A 156 -12.26 -4.62 -48.33
N GLY A 157 -12.79 -3.56 -47.72
CA GLY A 157 -12.82 -2.27 -48.38
C GLY A 157 -11.44 -1.73 -48.70
N ALA A 158 -10.43 -2.17 -47.94
CA ALA A 158 -9.08 -1.67 -48.16
C ALA A 158 -8.49 -2.12 -49.49
N SER A 159 -9.01 -3.20 -50.07
CA SER A 159 -8.52 -3.68 -51.35
C SER A 159 -8.64 -2.62 -52.43
N SER A 164 -5.36 3.47 -50.80
CA SER A 164 -6.04 4.76 -50.89
C SER A 164 -7.09 4.90 -49.80
N LEU A 165 -7.80 3.79 -49.55
CA LEU A 165 -8.71 3.68 -48.41
C LEU A 165 -8.13 2.87 -47.27
N CYS A 166 -7.02 2.16 -47.52
CA CYS A 166 -6.43 1.31 -46.49
C CYS A 166 -6.09 2.11 -45.23
N GLN A 167 -5.67 3.37 -45.38
CA GLN A 167 -5.36 4.18 -44.21
C GLN A 167 -6.60 4.42 -43.35
N ASN A 168 -7.75 4.66 -43.98
CA ASN A 168 -8.99 4.80 -43.23
C ASN A 168 -9.30 3.52 -42.45
N ASN A 169 -9.17 2.37 -43.11
CA ASN A 169 -9.36 1.11 -42.41
C ASN A 169 -8.40 1.01 -41.23
N MET A 170 -7.11 1.26 -41.47
CA MET A 170 -6.11 1.10 -40.41
C MET A 170 -6.44 1.98 -39.21
N VAL A 171 -6.87 3.22 -39.44
CA VAL A 171 -7.23 4.07 -38.31
C VAL A 171 -8.47 3.54 -37.61
N ILE A 172 -9.42 2.99 -38.36
CA ILE A 172 -10.61 2.42 -37.74
C ILE A 172 -10.22 1.27 -36.82
N LEU A 173 -9.37 0.37 -37.30
CA LEU A 173 -8.96 -0.75 -36.45
C LEU A 173 -8.07 -0.28 -35.31
N LYS A 174 -7.27 0.76 -35.52
CA LYS A 174 -6.51 1.34 -34.43
C LYS A 174 -7.43 1.79 -33.31
N LEU A 175 -8.52 2.48 -33.67
CA LEU A 175 -9.51 2.86 -32.67
C LEU A 175 -10.11 1.62 -32.01
N LEU A 176 -10.45 0.61 -32.81
CA LEU A 176 -11.05 -0.61 -32.26
C LEU A 176 -10.11 -1.30 -31.29
N SER A 177 -8.80 -1.14 -31.48
CA SER A 177 -7.82 -1.88 -30.69
C SER A 177 -7.92 -1.62 -29.20
N GLU A 178 -8.52 -0.50 -28.79
CA GLU A 178 -8.73 -0.22 -27.38
C GLU A 178 -10.14 -0.50 -26.91
N GLU A 179 -11.09 -0.65 -27.83
CA GLU A 179 -12.41 -1.16 -27.47
C GLU A 179 -12.34 -2.62 -27.05
N VAL A 180 -11.43 -3.38 -27.65
CA VAL A 180 -11.11 -4.71 -27.13
C VAL A 180 -10.43 -4.58 -25.79
N PHE A 181 -10.86 -5.39 -24.83
CA PHE A 181 -10.33 -5.33 -23.46
C PHE A 181 -8.80 -5.37 -23.46
N LYS A 197 -11.06 -14.22 -22.97
CA LYS A 197 -9.97 -14.55 -23.88
C LYS A 197 -10.50 -15.24 -25.13
N ASP A 198 -9.67 -15.27 -26.18
CA ASP A 198 -10.03 -15.87 -27.46
C ASP A 198 -11.36 -15.31 -27.97
N SER A 199 -11.38 -13.99 -28.15
CA SER A 199 -12.54 -13.29 -28.70
C SER A 199 -12.56 -13.47 -30.22
N MET A 200 -12.87 -14.71 -30.63
CA MET A 200 -12.86 -15.09 -32.04
C MET A 200 -11.64 -14.51 -32.73
N CYS A 201 -10.50 -14.55 -32.04
CA CYS A 201 -9.30 -13.85 -32.48
C CYS A 201 -8.75 -14.37 -33.79
N ASN A 202 -9.08 -15.61 -34.18
CA ASN A 202 -8.51 -16.16 -35.41
C ASN A 202 -8.86 -15.32 -36.63
N GLU A 203 -9.96 -14.57 -36.59
CA GLU A 203 -10.31 -13.73 -37.72
C GLU A 203 -9.42 -12.50 -37.83
N PHE A 204 -8.60 -12.21 -36.81
CA PHE A 204 -7.57 -11.21 -37.00
C PHE A 204 -6.61 -11.60 -38.10
N SER A 205 -6.57 -12.88 -38.45
CA SER A 205 -5.74 -13.29 -39.58
C SER A 205 -6.12 -12.52 -40.84
N GLN A 206 -7.40 -12.17 -40.98
CA GLN A 206 -7.82 -11.33 -42.10
C GLN A 206 -7.08 -10.01 -42.10
N ILE A 207 -6.93 -9.41 -40.92
CA ILE A 207 -6.15 -8.18 -40.83
C ILE A 207 -4.72 -8.44 -41.26
N PHE A 208 -4.12 -9.49 -40.70
CA PHE A 208 -2.70 -9.71 -40.93
C PHE A 208 -2.43 -10.05 -42.39
N GLN A 209 -3.34 -10.79 -43.03
CA GLN A 209 -3.10 -11.11 -44.42
C GLN A 209 -3.06 -9.84 -45.23
N LEU A 210 -4.07 -8.99 -45.06
CA LEU A 210 -4.06 -7.74 -45.81
C LEU A 210 -2.88 -6.90 -45.41
N CYS A 211 -2.52 -6.90 -44.12
CA CYS A 211 -1.37 -6.12 -43.71
C CYS A 211 -0.11 -6.62 -44.40
N GLN A 212 0.07 -7.93 -44.45
CA GLN A 212 1.25 -8.42 -45.15
C GLN A 212 1.20 -8.03 -46.60
N PHE A 213 0.04 -8.19 -47.23
CA PHE A 213 -0.07 -7.79 -48.62
C PHE A 213 0.36 -6.34 -48.76
N VAL A 214 -0.23 -5.46 -47.97
CA VAL A 214 0.05 -4.06 -48.16
C VAL A 214 1.48 -3.79 -47.77
N MET A 215 1.92 -4.39 -46.66
CA MET A 215 3.28 -4.17 -46.21
C MET A 215 4.26 -4.61 -47.28
N GLU A 216 4.00 -5.78 -47.89
CA GLU A 216 4.97 -6.30 -48.84
C GLU A 216 5.03 -5.47 -50.11
N ASN A 217 3.99 -4.68 -50.43
CA ASN A 217 3.89 -4.09 -51.76
C ASN A 217 3.76 -2.57 -51.79
N SER A 218 3.56 -1.91 -50.65
CA SER A 218 3.21 -0.49 -50.66
C SER A 218 4.39 0.36 -50.21
N GLN A 219 4.60 1.47 -50.92
CA GLN A 219 5.64 2.44 -50.61
C GLN A 219 5.10 3.70 -49.98
N ASN A 220 3.78 3.84 -49.85
CA ASN A 220 3.21 5.07 -49.29
C ASN A 220 3.59 5.18 -47.81
N ALA A 221 4.46 6.15 -47.51
CA ALA A 221 5.00 6.23 -46.15
C ALA A 221 3.91 6.46 -45.11
N PRO A 222 2.99 7.42 -45.27
CA PRO A 222 1.92 7.54 -44.27
C PRO A 222 1.14 6.25 -44.08
N LEU A 223 0.83 5.58 -45.20
CA LEU A 223 0.11 4.31 -45.12
C LEU A 223 0.94 3.24 -44.45
N VAL A 224 2.25 3.20 -44.74
CA VAL A 224 3.11 2.24 -44.07
C VAL A 224 3.11 2.48 -42.58
N HIS A 225 3.20 3.75 -42.16
CA HIS A 225 3.20 4.07 -40.74
C HIS A 225 1.90 3.64 -40.09
N ALA A 226 0.77 3.93 -40.73
CA ALA A 226 -0.52 3.55 -40.15
C ALA A 226 -0.65 2.04 -40.04
N THR A 227 -0.23 1.32 -41.08
CA THR A 227 -0.30 -0.14 -41.05
C THR A 227 0.60 -0.69 -39.95
N LEU A 228 1.80 -0.12 -39.80
CA LEU A 228 2.70 -0.56 -38.76
C LEU A 228 2.11 -0.32 -37.38
N GLU A 229 1.44 0.81 -37.19
CA GLU A 229 0.77 1.06 -35.92
C GLU A 229 -0.31 0.04 -35.66
N THR A 230 -1.14 -0.24 -36.67
CA THR A 230 -2.23 -1.19 -36.48
C THR A 230 -1.70 -2.57 -36.14
N LEU A 231 -0.65 -3.02 -36.84
CA LEU A 231 -0.03 -4.29 -36.50
C LEU A 231 0.56 -4.24 -35.10
N LEU A 232 1.22 -3.13 -34.75
CA LEU A 232 1.75 -2.99 -33.41
C LEU A 232 0.69 -3.24 -32.36
N ARG A 233 -0.53 -2.75 -32.61
CA ARG A 233 -1.63 -3.03 -31.69
C ARG A 233 -2.05 -4.49 -31.71
N PHE A 234 -2.21 -5.07 -32.90
CA PHE A 234 -2.81 -6.40 -33.01
C PHE A 234 -1.83 -7.57 -32.92
N LEU A 235 -0.54 -7.32 -32.70
CA LEU A 235 0.35 -8.43 -32.35
C LEU A 235 -0.04 -9.10 -31.05
N ASN A 236 -0.86 -8.44 -30.22
CA ASN A 236 -1.31 -9.06 -28.99
C ASN A 236 -2.21 -10.27 -29.24
N TRP A 237 -2.86 -10.35 -30.41
CA TRP A 237 -3.84 -11.39 -30.67
C TRP A 237 -3.65 -12.13 -31.99
N ILE A 238 -2.90 -11.59 -32.95
CA ILE A 238 -2.76 -12.29 -34.24
C ILE A 238 -2.15 -13.67 -34.01
N PRO A 239 -2.57 -14.71 -34.73
CA PRO A 239 -2.00 -16.04 -34.48
C PRO A 239 -0.50 -16.08 -34.73
N LEU A 240 0.20 -16.86 -33.90
CA LEU A 240 1.66 -16.91 -33.96
C LEU A 240 2.16 -17.54 -35.25
N GLY A 241 1.43 -18.52 -35.79
CA GLY A 241 1.86 -19.18 -37.01
C GLY A 241 1.91 -18.29 -38.22
N TYR A 242 1.32 -17.10 -38.16
CA TYR A 242 1.48 -16.10 -39.21
C TYR A 242 2.71 -15.22 -39.01
N ILE A 243 2.86 -14.63 -37.83
CA ILE A 243 3.93 -13.65 -37.63
C ILE A 243 5.30 -14.29 -37.73
N PHE A 244 5.50 -15.46 -37.12
CA PHE A 244 6.83 -16.06 -37.11
C PHE A 244 7.14 -16.85 -38.37
N GLU A 245 6.15 -17.18 -39.19
CA GLU A 245 6.38 -18.01 -40.36
C GLU A 245 6.60 -17.20 -41.64
N THR A 246 5.83 -16.12 -41.82
CA THR A 246 5.90 -15.38 -43.07
C THR A 246 7.10 -14.44 -43.08
N LYS A 247 7.19 -13.64 -44.14
CA LYS A 247 8.28 -12.70 -44.37
C LYS A 247 8.23 -11.50 -43.44
N LEU A 248 7.35 -11.47 -42.44
CA LEU A 248 7.14 -10.27 -41.64
C LEU A 248 8.44 -9.74 -41.08
N ILE A 249 9.09 -10.52 -40.20
CA ILE A 249 10.22 -10.00 -39.43
C ILE A 249 11.29 -9.49 -40.36
N SER A 250 11.68 -10.29 -41.35
CA SER A 250 12.70 -9.85 -42.29
C SER A 250 12.21 -8.63 -43.04
N THR A 251 10.94 -8.63 -43.42
CA THR A 251 10.41 -7.55 -44.23
C THR A 251 10.59 -6.21 -43.55
N LEU A 252 10.11 -6.08 -42.30
CA LEU A 252 10.19 -4.77 -41.67
C LEU A 252 11.58 -4.49 -41.12
N ILE A 253 12.34 -5.53 -40.73
CA ILE A 253 13.67 -5.28 -40.19
C ILE A 253 14.61 -4.78 -41.27
N TYR A 254 14.44 -5.23 -42.52
CA TYR A 254 15.27 -4.73 -43.61
C TYR A 254 14.68 -3.52 -44.30
N LYS A 255 13.35 -3.38 -44.33
CA LYS A 255 12.71 -2.39 -45.18
C LYS A 255 12.30 -1.14 -44.43
N PHE A 256 12.06 -1.24 -43.12
CA PHE A 256 11.53 -0.13 -42.34
C PHE A 256 12.38 0.24 -41.14
N LEU A 257 12.95 -0.75 -40.44
CA LEU A 257 13.71 -0.43 -39.23
C LEU A 257 14.86 0.52 -39.53
N ASN A 258 15.46 0.43 -40.71
CA ASN A 258 16.56 1.29 -41.09
C ASN A 258 16.11 2.61 -41.68
N VAL A 259 14.82 2.83 -41.85
CA VAL A 259 14.29 4.03 -42.51
C VAL A 259 13.76 4.95 -41.41
N PRO A 260 14.15 6.22 -41.40
CA PRO A 260 13.66 7.12 -40.33
C PRO A 260 12.15 7.24 -40.24
N MET A 261 11.46 7.29 -41.39
CA MET A 261 10.01 7.49 -41.36
C MET A 261 9.32 6.44 -40.51
N PHE A 262 9.89 5.24 -40.42
CA PHE A 262 9.24 4.12 -39.77
C PHE A 262 10.07 3.60 -38.62
N ARG A 263 11.17 4.28 -38.28
CA ARG A 263 12.10 3.70 -37.33
C ARG A 263 11.44 3.44 -35.97
N ASN A 264 10.80 4.45 -35.39
CA ASN A 264 10.24 4.28 -34.06
C ASN A 264 9.16 3.22 -34.08
N VAL A 265 8.19 3.37 -34.98
CA VAL A 265 7.11 2.41 -35.03
C VAL A 265 7.67 1.04 -35.34
N SER A 266 8.62 0.96 -36.28
CA SER A 266 9.17 -0.34 -36.61
C SER A 266 9.80 -0.98 -35.38
N LEU A 267 10.56 -0.20 -34.62
CA LEU A 267 11.17 -0.78 -33.43
C LEU A 267 10.11 -1.17 -32.41
N LYS A 268 9.06 -0.35 -32.31
CA LYS A 268 7.97 -0.72 -31.43
C LYS A 268 7.33 -2.03 -31.86
N CYS A 269 7.13 -2.20 -33.17
CA CYS A 269 6.59 -3.47 -33.64
C CYS A 269 7.47 -4.62 -33.19
N LEU A 270 8.78 -4.48 -33.36
CA LEU A 270 9.67 -5.55 -32.89
C LEU A 270 9.56 -5.74 -31.38
N THR A 271 9.33 -4.66 -30.64
CA THR A 271 9.15 -4.81 -29.21
C THR A 271 7.96 -5.71 -28.93
N GLU A 272 6.86 -5.50 -29.65
CA GLU A 272 5.69 -6.33 -29.42
C GLU A 272 6.00 -7.77 -29.81
N ILE A 273 6.70 -7.97 -30.93
CA ILE A 273 7.09 -9.32 -31.28
C ILE A 273 7.97 -9.90 -30.17
N ALA A 274 8.92 -9.11 -29.67
CA ALA A 274 9.72 -9.57 -28.54
C ALA A 274 8.85 -9.88 -27.32
N GLY A 275 7.69 -9.23 -27.21
CA GLY A 275 6.80 -9.48 -26.09
C GLY A 275 6.16 -10.86 -26.09
N VAL A 276 6.06 -11.51 -27.26
CA VAL A 276 5.53 -12.86 -27.30
C VAL A 276 6.40 -13.79 -26.47
N SER A 277 5.75 -14.60 -25.64
CA SER A 277 6.43 -15.50 -24.70
C SER A 277 5.94 -16.92 -24.95
N VAL A 278 6.61 -17.63 -25.85
CA VAL A 278 6.28 -19.02 -26.15
C VAL A 278 7.57 -19.77 -26.42
N SER A 279 7.59 -21.06 -26.07
CA SER A 279 8.73 -21.90 -26.39
C SER A 279 8.85 -22.14 -27.88
N GLN A 280 7.76 -21.97 -28.64
CA GLN A 280 7.80 -22.16 -30.07
C GLN A 280 8.55 -21.01 -30.74
N TYR A 281 9.04 -21.29 -31.95
CA TYR A 281 9.72 -20.29 -32.78
C TYR A 281 11.01 -19.78 -32.15
N GLU A 282 11.73 -20.65 -31.43
CA GLU A 282 12.98 -20.24 -30.81
C GLU A 282 13.95 -19.68 -31.86
N GLU A 283 14.11 -20.40 -32.96
CA GLU A 283 15.04 -19.98 -33.99
C GLU A 283 14.64 -18.65 -34.60
N GLN A 284 13.34 -18.41 -34.73
CA GLN A 284 12.89 -17.12 -35.25
C GLN A 284 13.21 -15.99 -34.28
N PHE A 285 13.08 -16.22 -32.97
CA PHE A 285 13.50 -15.21 -32.00
C PHE A 285 15.00 -14.93 -32.11
N VAL A 286 15.80 -15.99 -32.22
CA VAL A 286 17.25 -15.78 -32.32
C VAL A 286 17.58 -14.97 -33.57
N THR A 287 16.95 -15.31 -34.69
CA THR A 287 17.16 -14.55 -35.91
C THR A 287 16.73 -13.10 -35.73
N LEU A 288 15.60 -12.89 -35.07
CA LEU A 288 15.09 -11.55 -34.86
C LEU A 288 16.11 -10.71 -34.11
N PHE A 289 16.60 -11.23 -32.98
CA PHE A 289 17.53 -10.46 -32.16
C PHE A 289 18.84 -10.23 -32.89
N THR A 290 19.45 -11.27 -33.44
CA THR A 290 20.73 -11.11 -34.10
C THR A 290 20.64 -10.10 -35.25
N LEU A 291 19.56 -10.18 -36.04
CA LEU A 291 19.43 -9.27 -37.17
C LEU A 291 19.13 -7.86 -36.71
N THR A 292 18.27 -7.71 -35.69
CA THR A 292 17.95 -6.37 -35.22
C THR A 292 19.21 -5.70 -34.68
N MET A 293 20.03 -6.46 -33.95
CA MET A 293 21.28 -5.91 -33.47
C MET A 293 22.16 -5.50 -34.64
N MET A 294 22.25 -6.34 -35.67
CA MET A 294 23.10 -6.00 -36.81
C MET A 294 22.61 -4.72 -37.48
N GLN A 295 21.30 -4.46 -37.41
CA GLN A 295 20.75 -3.26 -38.03
C GLN A 295 21.02 -2.02 -37.18
N LEU A 296 20.59 -2.05 -35.91
CA LEU A 296 20.78 -0.89 -35.05
C LEU A 296 22.25 -0.60 -34.77
N LYS A 297 23.13 -1.57 -35.02
CA LYS A 297 24.56 -1.28 -34.95
C LYS A 297 24.95 -0.27 -36.03
N GLN A 298 24.48 -0.49 -37.25
CA GLN A 298 24.72 0.49 -38.31
C GLN A 298 23.97 1.79 -38.03
N MET A 299 22.76 1.68 -37.48
CA MET A 299 21.93 2.87 -37.35
C MET A 299 22.30 3.71 -36.14
N LEU A 300 22.84 3.08 -35.09
CA LEU A 300 23.27 3.82 -33.89
C LEU A 300 24.51 3.13 -33.33
N PRO A 301 25.69 3.49 -33.84
CA PRO A 301 26.90 2.77 -33.43
C PRO A 301 27.18 2.92 -31.95
N LEU A 302 27.80 1.88 -31.39
CA LEU A 302 28.02 1.82 -29.95
C LEU A 302 28.90 2.97 -29.46
N ASN A 303 29.81 3.45 -30.31
CA ASN A 303 30.68 4.54 -29.89
C ASN A 303 29.92 5.83 -29.59
N THR A 304 28.67 5.93 -30.04
CA THR A 304 27.90 7.14 -29.81
C THR A 304 27.63 7.32 -28.32
N ASN A 305 27.77 8.55 -27.85
CA ASN A 305 27.43 8.90 -26.47
C ASN A 305 25.93 9.17 -26.41
N ILE A 306 25.17 8.16 -25.99
CA ILE A 306 23.72 8.27 -26.02
C ILE A 306 23.23 9.34 -25.07
N ARG A 307 23.95 9.57 -23.96
CA ARG A 307 23.55 10.63 -23.04
C ARG A 307 23.48 11.97 -23.75
N LEU A 308 24.56 12.35 -24.43
CA LEU A 308 24.57 13.64 -25.14
C LEU A 308 23.56 13.64 -26.28
N ALA A 309 23.48 12.55 -27.04
CA ALA A 309 22.57 12.51 -28.18
C ALA A 309 21.13 12.71 -27.72
N TYR A 310 20.75 12.08 -26.60
CA TYR A 310 19.39 12.26 -26.10
C TYR A 310 19.21 13.67 -25.55
N SER A 311 20.19 14.16 -24.80
CA SER A 311 20.04 15.48 -24.18
C SER A 311 19.85 16.56 -25.23
N ASN A 312 20.61 16.51 -26.31
CA ASN A 312 20.50 17.47 -27.40
C ASN A 312 19.73 16.92 -28.59
N GLY A 313 19.20 15.70 -28.49
CA GLY A 313 18.53 15.09 -29.63
C GLY A 313 17.14 15.64 -29.85
N LYS A 314 16.66 15.43 -31.08
CA LYS A 314 15.31 15.81 -31.45
C LYS A 314 14.31 14.85 -30.79
N ASP A 315 13.03 15.20 -30.91
CA ASP A 315 11.99 14.41 -30.27
C ASP A 315 11.99 12.98 -30.82
N ASP A 316 12.09 12.84 -32.14
CA ASP A 316 12.08 11.50 -32.73
C ASP A 316 13.29 10.69 -32.27
N GLU A 317 14.46 11.31 -32.19
CA GLU A 317 15.64 10.59 -31.71
C GLU A 317 15.46 10.12 -30.27
N GLN A 318 14.91 10.98 -29.42
CA GLN A 318 14.63 10.57 -28.04
C GLN A 318 13.64 9.41 -28.00
N ASN A 319 12.59 9.48 -28.82
CA ASN A 319 11.65 8.36 -28.89
C ASN A 319 12.36 7.09 -29.36
N PHE A 320 13.30 7.23 -30.29
CA PHE A 320 14.04 6.05 -30.76
C PHE A 320 14.89 5.47 -29.64
N ILE A 321 15.52 6.33 -28.85
CA ILE A 321 16.31 5.83 -27.72
C ILE A 321 15.40 5.07 -26.76
N GLN A 322 14.23 5.66 -26.45
CA GLN A 322 13.30 4.99 -25.55
C GLN A 322 12.85 3.65 -26.11
N ASN A 323 12.54 3.60 -27.40
CA ASN A 323 12.07 2.36 -28.02
C ASN A 323 13.18 1.33 -28.05
N LEU A 324 14.42 1.75 -28.28
CA LEU A 324 15.53 0.82 -28.23
C LEU A 324 15.69 0.24 -26.83
N SER A 325 15.58 1.09 -25.81
CA SER A 325 15.62 0.57 -24.45
C SER A 325 14.50 -0.43 -24.22
N LEU A 326 13.29 -0.11 -24.67
CA LEU A 326 12.16 -1.02 -24.48
C LEU A 326 12.40 -2.35 -25.17
N PHE A 327 12.85 -2.31 -26.43
CA PHE A 327 13.09 -3.53 -27.17
C PHE A 327 14.14 -4.39 -26.49
N LEU A 328 15.28 -3.80 -26.16
CA LEU A 328 16.33 -4.56 -25.49
C LEU A 328 15.81 -5.15 -24.19
N CYS A 329 15.16 -4.33 -23.37
CA CYS A 329 14.67 -4.82 -22.08
C CYS A 329 13.72 -6.00 -22.27
N THR A 330 12.70 -5.84 -23.10
CA THR A 330 11.70 -6.89 -23.24
C THR A 330 12.32 -8.16 -23.81
N PHE A 331 13.08 -8.02 -24.90
CA PHE A 331 13.61 -9.21 -25.54
C PHE A 331 14.57 -9.94 -24.61
N LEU A 332 15.46 -9.22 -23.93
CA LEU A 332 16.37 -9.91 -23.02
C LEU A 332 15.61 -10.53 -21.85
N LYS A 333 14.53 -9.88 -21.41
CA LYS A 333 13.72 -10.44 -20.33
C LYS A 333 13.11 -11.76 -20.73
N GLU A 334 12.60 -11.87 -21.95
CA GLU A 334 11.86 -13.05 -22.35
C GLU A 334 12.70 -14.10 -23.05
N HIS A 335 13.89 -13.75 -23.55
CA HIS A 335 14.63 -14.66 -24.42
C HIS A 335 16.14 -14.66 -24.13
N ASP A 336 16.59 -14.09 -23.01
CA ASP A 336 18.03 -14.07 -22.79
C ASP A 336 18.58 -15.48 -22.76
N GLN A 337 17.87 -16.41 -22.11
CA GLN A 337 18.38 -17.77 -22.08
C GLN A 337 18.52 -18.32 -23.49
N LEU A 338 17.61 -17.94 -24.39
CA LEU A 338 17.71 -18.37 -25.78
C LEU A 338 19.00 -17.87 -26.42
N ILE A 339 19.33 -16.60 -26.18
CA ILE A 339 20.56 -16.05 -26.76
C ILE A 339 21.80 -16.66 -26.10
N GLU A 340 21.79 -16.77 -24.77
CA GLU A 340 22.95 -17.27 -24.04
C GLU A 340 23.31 -18.69 -24.43
N LYS A 341 22.33 -19.50 -24.84
CA LYS A 341 22.61 -20.88 -25.23
C LYS A 341 23.40 -20.96 -26.52
N ARG A 342 23.57 -19.87 -27.25
CA ARG A 342 24.30 -19.87 -28.50
C ARG A 342 25.70 -19.32 -28.22
N LEU A 343 26.72 -20.13 -28.49
CA LEU A 343 28.08 -19.73 -28.14
C LEU A 343 28.54 -18.53 -28.96
N ASN A 344 28.24 -18.53 -30.26
CA ASN A 344 28.77 -17.49 -31.14
C ASN A 344 28.11 -16.14 -30.92
N LEU A 345 26.89 -16.10 -30.38
CA LEU A 345 26.17 -14.86 -30.23
C LEU A 345 26.56 -14.06 -28.99
N ARG A 346 27.44 -14.58 -28.14
CA ARG A 346 27.75 -13.89 -26.89
C ARG A 346 28.28 -12.48 -27.14
N GLU A 347 29.04 -12.29 -28.22
CA GLU A 347 29.55 -10.94 -28.50
C GLU A 347 28.39 -9.99 -28.78
N THR A 348 27.39 -10.45 -29.52
CA THR A 348 26.23 -9.60 -29.76
C THR A 348 25.47 -9.37 -28.47
N LEU A 349 25.48 -10.34 -27.56
CA LEU A 349 24.89 -10.10 -26.25
C LEU A 349 25.63 -9.00 -25.53
N MET A 350 26.96 -8.99 -25.62
CA MET A 350 27.70 -7.89 -25.04
C MET A 350 27.32 -6.57 -25.68
N GLU A 351 27.07 -6.59 -27.00
CA GLU A 351 26.61 -5.37 -27.64
C GLU A 351 25.31 -4.90 -27.01
N ALA A 352 24.39 -5.83 -26.80
CA ALA A 352 23.13 -5.43 -26.19
C ALA A 352 23.39 -4.86 -24.80
N LEU A 353 24.24 -5.53 -24.03
CA LEU A 353 24.51 -5.04 -22.70
C LEU A 353 25.20 -3.70 -22.77
N HIS A 354 26.09 -3.52 -23.74
CA HIS A 354 26.73 -2.22 -23.89
C HIS A 354 25.70 -1.15 -24.22
N TYR A 355 24.76 -1.47 -25.11
CA TYR A 355 23.69 -0.51 -25.36
C TYR A 355 22.95 -0.20 -24.07
N MET A 356 22.65 -1.23 -23.29
CA MET A 356 21.93 -0.98 -22.05
C MET A 356 22.73 -0.05 -21.15
N LEU A 357 24.04 -0.27 -21.05
CA LEU A 357 24.82 0.63 -20.22
C LEU A 357 24.75 2.05 -20.76
N LEU A 358 24.98 2.22 -22.06
CA LEU A 358 24.99 3.58 -22.61
C LEU A 358 23.65 4.25 -22.42
N VAL A 359 22.56 3.55 -22.74
CA VAL A 359 21.25 4.17 -22.64
C VAL A 359 20.88 4.36 -21.18
N SER A 360 21.50 3.63 -20.26
CA SER A 360 21.20 3.84 -18.86
C SER A 360 21.64 5.23 -18.40
N GLU A 361 22.55 5.88 -19.13
CA GLU A 361 23.05 7.17 -18.71
C GLU A 361 22.17 8.34 -19.14
N VAL A 362 21.07 8.10 -19.85
CA VAL A 362 20.16 9.17 -20.20
C VAL A 362 19.46 9.67 -18.94
N GLU A 363 19.43 10.99 -18.78
CA GLU A 363 19.00 11.58 -17.51
C GLU A 363 17.50 11.37 -17.27
N GLU A 364 16.70 11.49 -18.32
CA GLU A 364 15.25 11.55 -18.15
C GLU A 364 14.75 10.33 -17.41
N THR A 365 13.78 10.56 -16.51
CA THR A 365 13.40 9.54 -15.54
C THR A 365 12.83 8.29 -16.21
N GLU A 366 12.04 8.45 -17.27
CA GLU A 366 11.38 7.31 -17.89
C GLU A 366 12.39 6.35 -18.51
N ILE A 367 13.36 6.88 -19.25
CA ILE A 367 14.36 6.04 -19.88
C ILE A 367 15.11 5.25 -18.81
N PHE A 368 15.55 5.94 -17.76
CA PHE A 368 16.26 5.25 -16.70
C PHE A 368 15.36 4.26 -15.99
N LYS A 369 14.06 4.52 -15.92
CA LYS A 369 13.16 3.54 -15.31
C LYS A 369 13.14 2.26 -16.11
N ILE A 370 13.07 2.37 -17.44
CA ILE A 370 13.10 1.17 -18.29
C ILE A 370 14.42 0.43 -18.08
N CYS A 371 15.54 1.15 -18.12
CA CYS A 371 16.83 0.51 -17.94
C CYS A 371 16.91 -0.15 -16.57
N LEU A 372 16.40 0.52 -15.55
CA LEU A 372 16.43 -0.03 -14.20
C LEU A 372 15.59 -1.29 -14.08
N GLU A 373 14.44 -1.33 -14.75
CA GLU A 373 13.65 -2.55 -14.73
C GLU A 373 14.41 -3.69 -15.38
N TYR A 374 15.09 -3.42 -16.50
CA TYR A 374 15.91 -4.46 -17.10
C TYR A 374 17.00 -4.93 -16.14
N TRP A 375 17.70 -3.97 -15.51
CA TRP A 375 18.79 -4.35 -14.61
C TRP A 375 18.26 -5.13 -13.43
N ASN A 376 17.09 -4.77 -12.92
CA ASN A 376 16.47 -5.51 -11.84
C ASN A 376 16.21 -6.95 -12.26
N HIS A 377 15.65 -7.14 -13.46
CA HIS A 377 15.40 -8.48 -13.94
C HIS A 377 16.68 -9.27 -14.06
N LEU A 378 17.71 -8.67 -14.66
CA LEU A 378 18.96 -9.39 -14.85
C LEU A 378 19.60 -9.76 -13.53
N ALA A 379 19.62 -8.81 -12.58
CA ALA A 379 20.23 -9.08 -11.29
C ALA A 379 19.46 -10.17 -10.55
N ALA A 380 18.13 -10.11 -10.59
CA ALA A 380 17.34 -11.15 -9.94
C ALA A 380 17.63 -12.52 -10.54
N GLU A 381 17.70 -12.60 -11.87
CA GLU A 381 17.95 -13.87 -12.52
C GLU A 381 19.31 -14.43 -12.13
N LEU A 382 20.36 -13.59 -12.24
CA LEU A 382 21.69 -14.07 -11.89
C LEU A 382 21.80 -14.42 -10.42
N TYR A 383 21.16 -13.64 -9.55
CA TYR A 383 21.20 -13.95 -8.13
C TYR A 383 20.57 -15.31 -7.87
N ARG A 384 19.37 -15.54 -8.42
CA ARG A 384 18.69 -16.81 -8.21
C ARG A 384 19.41 -17.95 -8.90
N GLU A 385 20.33 -17.66 -9.82
CA GLU A 385 21.11 -18.74 -10.41
C GLU A 385 21.98 -19.43 -9.35
N SER A 386 22.60 -18.65 -8.47
CA SER A 386 23.43 -19.18 -7.39
C SER A 386 23.57 -18.12 -6.29
N PRO A 387 22.56 -17.97 -5.43
CA PRO A 387 22.61 -16.90 -4.42
C PRO A 387 23.48 -17.22 -3.21
N PHE A 388 24.08 -18.40 -3.14
CA PHE A 388 24.79 -18.82 -1.93
C PHE A 388 26.28 -18.50 -1.95
N SER A 389 26.81 -18.02 -3.07
CA SER A 389 28.24 -17.82 -3.19
C SER A 389 28.52 -16.68 -4.15
N THR A 390 29.76 -16.20 -4.12
CA THR A 390 30.19 -15.14 -5.02
C THR A 390 31.68 -15.26 -5.32
N ASP A 403 32.88 -22.65 -8.79
CA ASP A 403 33.18 -21.77 -9.89
C ASP A 403 31.97 -20.91 -10.26
N VAL A 404 32.17 -19.96 -11.15
CA VAL A 404 31.08 -19.08 -11.57
C VAL A 404 30.06 -19.90 -12.38
N PRO A 405 28.77 -19.72 -12.15
CA PRO A 405 27.78 -20.44 -12.95
C PRO A 405 27.70 -19.87 -14.35
N PRO A 406 27.04 -20.57 -15.28
CA PRO A 406 27.10 -20.17 -16.69
C PRO A 406 26.66 -18.73 -16.92
N ARG A 407 25.43 -18.39 -16.55
CA ARG A 407 24.92 -17.07 -16.87
C ARG A 407 25.73 -15.98 -16.19
N ARG A 408 26.05 -16.17 -14.91
CA ARG A 408 26.88 -15.19 -14.22
C ARG A 408 28.25 -15.08 -14.89
N GLN A 409 28.81 -16.22 -15.30
CA GLN A 409 30.09 -16.19 -16.00
C GLN A 409 30.00 -15.35 -17.26
N LEU A 410 28.86 -15.42 -17.96
CA LEU A 410 28.72 -14.71 -19.23
C LEU A 410 28.47 -13.22 -19.02
N TYR A 411 27.73 -12.85 -17.98
CA TYR A 411 27.42 -11.45 -17.72
C TYR A 411 28.49 -10.73 -16.90
N LEU A 412 29.36 -11.45 -16.20
CA LEU A 412 30.34 -10.80 -15.32
C LEU A 412 31.18 -9.75 -16.02
N PRO A 413 31.66 -9.94 -17.25
CA PRO A 413 32.57 -8.95 -17.85
C PRO A 413 32.03 -7.53 -17.90
N MET A 414 30.75 -7.30 -17.60
CA MET A 414 30.23 -5.94 -17.59
C MET A 414 29.43 -5.61 -16.33
N LEU A 415 29.29 -6.53 -15.39
CA LEU A 415 28.53 -6.23 -14.17
C LEU A 415 29.11 -5.02 -13.43
N PHE A 416 30.43 -4.82 -13.51
CA PHE A 416 31.04 -3.71 -12.79
C PHE A 416 30.44 -2.39 -13.26
N LYS A 417 30.31 -2.22 -14.56
CA LYS A 417 29.74 -0.98 -15.07
C LYS A 417 28.32 -0.79 -14.60
N VAL A 418 27.59 -1.90 -14.41
CA VAL A 418 26.23 -1.81 -13.90
C VAL A 418 26.23 -1.30 -12.46
N ARG A 419 27.13 -1.83 -11.63
CA ARG A 419 27.21 -1.34 -10.26
C ARG A 419 27.61 0.12 -10.21
N LEU A 420 28.57 0.52 -11.07
CA LEU A 420 28.97 1.92 -11.12
C LEU A 420 27.79 2.81 -11.50
N LEU A 421 27.00 2.37 -12.48
CA LEU A 421 25.79 3.10 -12.84
C LEU A 421 24.85 3.21 -11.64
N MET A 422 24.64 2.09 -10.95
CA MET A 422 23.66 2.08 -9.87
C MET A 422 24.08 3.06 -8.78
N VAL A 423 25.32 2.95 -8.31
CA VAL A 423 25.79 3.81 -7.24
C VAL A 423 25.76 5.27 -7.68
N SER A 424 26.11 5.53 -8.94
CA SER A 424 26.21 6.92 -9.39
C SER A 424 24.85 7.61 -9.40
N ARG A 425 23.80 6.89 -9.79
CA ARG A 425 22.50 7.51 -10.08
C ARG A 425 21.45 7.27 -9.00
N MET A 426 21.85 6.87 -7.80
CA MET A 426 20.88 6.44 -6.79
C MET A 426 19.89 7.56 -6.49
N ALA A 427 18.62 7.18 -6.41
CA ALA A 427 17.53 8.11 -6.11
C ALA A 427 17.46 8.38 -4.61
N LYS A 428 16.72 9.43 -4.25
CA LYS A 428 16.64 9.85 -2.86
C LYS A 428 15.82 8.86 -2.03
N PRO A 429 16.36 8.32 -0.95
CA PRO A 429 15.52 7.56 -0.01
C PRO A 429 14.54 8.46 0.70
N GLU A 430 13.46 7.85 1.18
CA GLU A 430 12.41 8.60 1.85
C GLU A 430 12.90 9.16 3.19
N GLU A 431 13.85 8.48 3.83
CA GLU A 431 14.29 8.88 5.16
C GLU A 431 15.16 10.14 5.13
N VAL A 432 15.53 10.63 3.95
CA VAL A 432 16.37 11.81 3.82
C VAL A 432 15.44 13.02 3.71
N LEU A 433 15.25 13.72 4.83
CA LEU A 433 14.41 14.91 4.84
C LEU A 433 15.09 16.13 4.23
N VAL A 434 16.41 16.21 4.32
CA VAL A 434 17.16 17.39 3.89
C VAL A 434 17.74 17.13 2.51
N VAL A 435 17.48 18.05 1.58
CA VAL A 435 17.90 17.90 0.20
C VAL A 435 18.43 19.22 -0.32
N GLU A 436 19.23 19.14 -1.38
CA GLU A 436 19.66 20.33 -2.09
C GLU A 436 18.55 20.81 -3.03
N ASN A 437 18.24 22.09 -2.95
CA ASN A 437 17.24 22.74 -3.77
C ASN A 437 17.89 23.20 -5.07
N ASP A 438 17.07 23.37 -6.09
CA ASP A 438 17.59 23.69 -7.42
C ASP A 438 18.38 24.98 -7.42
N GLN A 439 18.03 25.93 -6.56
CA GLN A 439 18.70 27.23 -6.52
C GLN A 439 20.06 27.20 -5.81
N GLY A 440 20.61 26.02 -5.49
CA GLY A 440 21.90 25.97 -4.86
C GLY A 440 21.89 26.25 -3.36
N GLU A 441 21.02 25.57 -2.63
CA GLU A 441 20.90 25.74 -1.19
C GLU A 441 20.43 24.43 -0.58
N VAL A 442 20.61 24.28 0.73
CA VAL A 442 20.21 23.07 1.43
C VAL A 442 18.97 23.40 2.24
N VAL A 443 17.91 22.59 2.09
CA VAL A 443 16.62 22.86 2.71
C VAL A 443 15.99 21.54 3.12
N ARG A 444 14.95 21.65 3.95
CA ARG A 444 14.11 20.50 4.24
C ARG A 444 13.21 20.17 3.04
N GLU A 445 12.98 18.89 2.82
CA GLU A 445 12.04 18.46 1.79
C GLU A 445 10.62 18.88 2.15
N PHE A 446 9.84 19.17 1.11
CA PHE A 446 8.46 19.62 1.29
C PHE A 446 7.45 18.90 0.41
N MET A 447 7.86 18.12 -0.58
CA MET A 447 6.93 17.44 -1.46
C MET A 447 7.42 16.02 -1.72
N LYS A 448 6.50 15.16 -2.16
CA LYS A 448 6.80 13.77 -2.45
C LYS A 448 6.11 13.37 -3.75
N ASP A 449 6.67 12.34 -4.40
CA ASP A 449 6.17 11.86 -5.68
C ASP A 449 6.02 10.35 -5.63
N THR A 450 4.90 9.86 -6.17
CA THR A 450 4.69 8.42 -6.24
C THR A 450 5.73 7.75 -7.12
N ASP A 451 6.29 8.50 -8.08
CA ASP A 451 7.38 7.95 -8.88
C ASP A 451 8.61 7.69 -8.04
N SER A 452 8.92 8.60 -7.10
CA SER A 452 10.14 8.49 -6.33
C SER A 452 10.18 7.23 -5.49
N ILE A 453 9.08 6.90 -4.82
CA ILE A 453 9.08 5.73 -3.94
C ILE A 453 9.31 4.46 -4.74
N ASN A 454 8.59 4.31 -5.86
CA ASN A 454 8.73 3.10 -6.65
C ASN A 454 10.13 3.02 -7.28
N LEU A 455 10.65 4.14 -7.77
CA LEU A 455 11.98 4.14 -8.35
C LEU A 455 13.03 3.77 -7.31
N TYR A 456 12.89 4.30 -6.09
CA TYR A 456 13.83 3.97 -5.03
C TYR A 456 13.75 2.49 -4.68
N LYS A 457 12.54 1.93 -4.62
CA LYS A 457 12.42 0.51 -4.31
C LYS A 457 13.08 -0.34 -5.39
N ASN A 458 12.86 -0.01 -6.65
CA ASN A 458 13.51 -0.76 -7.74
C ASN A 458 15.02 -0.62 -7.65
N MET A 459 15.49 0.59 -7.36
CA MET A 459 16.92 0.84 -7.25
C MET A 459 17.53 0.01 -6.13
N ARG A 460 16.84 -0.05 -4.98
CA ARG A 460 17.32 -0.85 -3.86
C ARG A 460 17.37 -2.33 -4.20
N GLU A 461 16.31 -2.85 -4.84
CA GLU A 461 16.31 -4.24 -5.26
C GLU A 461 17.49 -4.55 -6.15
N THR A 462 17.68 -3.73 -7.19
CA THR A 462 18.76 -3.98 -8.14
C THR A 462 20.10 -3.96 -7.44
N LEU A 463 20.34 -2.94 -6.61
CA LEU A 463 21.65 -2.78 -6.00
C LEU A 463 21.91 -3.85 -4.95
N VAL A 464 20.87 -4.31 -4.23
CA VAL A 464 21.07 -5.37 -3.26
C VAL A 464 21.38 -6.69 -3.98
N TYR A 465 20.69 -6.97 -5.08
CA TYR A 465 21.05 -8.15 -5.86
C TYR A 465 22.49 -8.06 -6.35
N LEU A 466 22.88 -6.90 -6.87
CA LEU A 466 24.23 -6.74 -7.40
C LEU A 466 25.26 -6.89 -6.29
N THR A 467 24.96 -6.40 -5.08
CA THR A 467 25.87 -6.58 -3.97
C THR A 467 25.98 -8.03 -3.55
N HIS A 468 24.85 -8.74 -3.53
CA HIS A 468 24.89 -10.17 -3.26
C HIS A 468 25.71 -10.91 -4.30
N LEU A 469 25.71 -10.43 -5.53
CA LEU A 469 26.53 -11.05 -6.57
C LEU A 469 28.02 -10.86 -6.29
N ASP A 470 28.42 -9.71 -5.76
CA ASP A 470 29.82 -9.46 -5.46
C ASP A 470 29.94 -8.43 -4.34
N TYR A 471 30.34 -8.89 -3.14
CA TYR A 471 30.47 -7.99 -2.01
C TYR A 471 31.73 -7.15 -2.14
N VAL A 472 32.86 -7.82 -2.41
CA VAL A 472 34.15 -7.13 -2.44
C VAL A 472 34.09 -5.97 -3.43
N ASP A 473 33.56 -6.23 -4.62
CA ASP A 473 33.57 -5.22 -5.66
C ASP A 473 32.70 -4.03 -5.25
N THR A 474 31.53 -4.29 -4.65
CA THR A 474 30.72 -3.19 -4.16
C THR A 474 31.48 -2.35 -3.15
N GLU A 475 32.08 -3.00 -2.14
CA GLU A 475 32.92 -2.26 -1.20
C GLU A 475 33.91 -1.39 -1.96
N ARG A 476 34.65 -2.00 -2.87
CA ARG A 476 35.69 -1.29 -3.61
C ARG A 476 35.11 -0.04 -4.28
N ILE A 477 34.04 -0.22 -5.06
CA ILE A 477 33.42 0.92 -5.76
C ILE A 477 33.10 2.03 -4.77
N MET A 478 32.34 1.70 -3.72
CA MET A 478 31.88 2.72 -2.80
C MET A 478 33.05 3.42 -2.13
N THR A 479 33.92 2.62 -1.49
CA THR A 479 35.07 3.16 -0.80
C THR A 479 35.91 4.05 -1.70
N GLU A 480 35.95 3.76 -3.00
CA GLU A 480 36.76 4.57 -3.91
C GLU A 480 36.06 5.87 -4.25
N LYS A 481 34.76 5.82 -4.58
CA LYS A 481 34.06 7.07 -4.80
C LYS A 481 34.22 7.98 -3.57
N LEU A 482 34.10 7.41 -2.38
CA LEU A 482 34.15 8.22 -1.18
C LEU A 482 35.56 8.76 -0.96
N HIS A 483 36.58 7.92 -1.17
CA HIS A 483 37.97 8.37 -1.05
C HIS A 483 38.23 9.49 -2.03
N ASN A 484 37.54 9.46 -3.16
CA ASN A 484 37.69 10.49 -4.18
C ASN A 484 37.07 11.80 -3.69
N GLN A 485 35.83 11.71 -3.18
CA GLN A 485 35.12 12.94 -2.79
C GLN A 485 35.77 13.58 -1.57
N VAL A 486 36.41 12.80 -0.70
CA VAL A 486 37.13 13.40 0.42
C VAL A 486 38.36 14.14 -0.11
N ASN A 487 39.09 13.52 -1.03
CA ASN A 487 40.27 14.12 -1.61
C ASN A 487 39.95 15.44 -2.29
N GLY A 488 38.68 15.71 -2.58
CA GLY A 488 38.25 16.90 -3.28
C GLY A 488 38.27 16.78 -4.78
N THR A 489 38.58 15.61 -5.33
CA THR A 489 38.64 15.46 -6.78
C THR A 489 37.28 15.72 -7.40
N GLU A 490 36.21 15.26 -6.73
CA GLU A 490 34.86 15.29 -7.26
C GLU A 490 33.88 15.89 -6.26
N TRP A 491 34.37 16.75 -5.37
CA TRP A 491 33.51 17.31 -4.33
C TRP A 491 32.33 18.04 -4.95
N SER A 492 31.13 17.60 -4.58
CA SER A 492 29.89 18.25 -4.99
C SER A 492 28.75 17.64 -4.18
N TRP A 493 27.83 18.47 -3.73
CA TRP A 493 26.76 17.97 -2.88
C TRP A 493 25.97 16.86 -3.55
N LYS A 494 25.75 16.98 -4.87
CA LYS A 494 24.99 15.95 -5.57
C LYS A 494 25.70 14.61 -5.50
N ASN A 495 27.00 14.60 -5.77
CA ASN A 495 27.75 13.35 -5.77
C ASN A 495 27.77 12.73 -4.38
N LEU A 496 28.06 13.52 -3.36
CA LEU A 496 28.08 13.00 -1.99
C LEU A 496 26.71 12.49 -1.59
N ASN A 497 25.66 13.22 -1.94
CA ASN A 497 24.32 12.79 -1.56
C ASN A 497 23.99 11.45 -2.20
N THR A 498 24.24 11.30 -3.49
CA THR A 498 23.93 10.04 -4.16
C THR A 498 24.78 8.91 -3.59
N LEU A 499 26.06 9.16 -3.35
CA LEU A 499 26.92 8.11 -2.82
C LEU A 499 26.46 7.66 -1.45
N CYS A 500 26.12 8.61 -0.57
CA CYS A 500 25.69 8.23 0.77
C CYS A 500 24.33 7.55 0.74
N TRP A 501 23.44 7.97 -0.15
CA TRP A 501 22.19 7.25 -0.34
C TRP A 501 22.45 5.81 -0.73
N ALA A 502 23.40 5.58 -1.64
CA ALA A 502 23.75 4.21 -2.00
C ALA A 502 24.33 3.45 -0.83
N ILE A 503 25.20 4.10 -0.05
CA ILE A 503 25.80 3.42 1.10
C ILE A 503 24.73 2.97 2.07
N GLY A 504 23.74 3.82 2.32
CA GLY A 504 22.66 3.44 3.21
C GLY A 504 21.64 2.50 2.60
N SER A 505 21.55 2.46 1.28
CA SER A 505 20.53 1.63 0.62
C SER A 505 20.87 0.15 0.66
N ILE A 506 22.15 -0.21 0.71
CA ILE A 506 22.54 -1.61 0.73
C ILE A 506 22.60 -2.08 2.18
N SER A 507 22.04 -1.29 3.09
CA SER A 507 21.98 -1.67 4.48
C SER A 507 21.38 -3.06 4.62
N GLY A 508 21.82 -3.77 5.66
CA GLY A 508 21.51 -5.18 5.77
C GLY A 508 22.43 -5.96 4.85
N ALA A 509 21.85 -6.77 3.97
CA ALA A 509 22.59 -7.63 3.06
C ALA A 509 24.01 -7.91 3.54
N MET A 510 25.00 -7.67 2.68
CA MET A 510 26.40 -7.63 3.01
C MET A 510 26.70 -8.81 3.96
N HIS A 511 27.62 -8.64 4.91
CA HIS A 511 27.85 -9.62 5.97
C HIS A 511 28.24 -8.85 7.22
N GLU A 512 28.43 -9.56 8.33
CA GLU A 512 28.71 -8.87 9.59
C GLU A 512 30.10 -8.25 9.60
N GLU A 513 31.15 -9.07 9.47
CA GLU A 513 32.50 -8.52 9.48
C GLU A 513 32.77 -7.63 8.29
N ASP A 514 32.27 -8.00 7.11
CA ASP A 514 32.45 -7.17 5.93
C ASP A 514 31.78 -5.81 6.12
N GLU A 515 30.56 -5.81 6.69
CA GLU A 515 29.87 -4.54 6.93
C GLU A 515 30.64 -3.69 7.92
N LYS A 516 31.17 -4.30 8.98
CA LYS A 516 31.96 -3.55 9.95
C LYS A 516 33.17 -2.92 9.26
N ARG A 517 33.89 -3.71 8.47
CA ARG A 517 35.07 -3.19 7.77
C ARG A 517 34.70 -2.03 6.87
N PHE A 518 33.63 -2.19 6.09
CA PHE A 518 33.23 -1.14 5.16
C PHE A 518 32.85 0.14 5.90
N LEU A 519 32.03 0.01 6.95
CA LEU A 519 31.53 1.19 7.63
C LEU A 519 32.61 1.89 8.43
N VAL A 520 33.61 1.18 8.93
CA VAL A 520 34.70 1.88 9.62
C VAL A 520 35.33 2.89 8.68
N THR A 521 35.69 2.46 7.47
CA THR A 521 36.32 3.37 6.51
C THR A 521 35.34 4.45 6.06
N VAL A 522 34.07 4.09 5.86
CA VAL A 522 33.11 5.10 5.42
C VAL A 522 32.94 6.18 6.48
N ILE A 523 32.82 5.79 7.74
CA ILE A 523 32.65 6.75 8.81
C ILE A 523 33.91 7.61 8.96
N LYS A 524 35.08 7.00 8.84
CA LYS A 524 36.31 7.79 8.91
C LYS A 524 36.32 8.85 7.81
N ASP A 525 36.04 8.43 6.58
CA ASP A 525 36.09 9.37 5.46
C ASP A 525 35.05 10.47 5.64
N LEU A 526 33.84 10.10 6.05
CA LEU A 526 32.79 11.09 6.24
C LEU A 526 33.20 12.09 7.30
N LEU A 527 33.71 11.61 8.43
CA LEU A 527 34.10 12.50 9.51
C LEU A 527 35.19 13.47 9.03
N GLY A 528 36.17 12.96 8.29
CA GLY A 528 37.23 13.83 7.79
C GLY A 528 36.69 14.86 6.81
N LEU A 529 35.81 14.43 5.90
CA LEU A 529 35.18 15.36 4.98
C LEU A 529 34.48 16.46 5.76
N CYS A 530 33.75 16.10 6.80
CA CYS A 530 33.06 17.08 7.61
C CYS A 530 34.07 18.05 8.22
N GLU A 531 35.11 17.50 8.82
CA GLU A 531 36.12 18.30 9.50
C GLU A 531 36.94 19.14 8.52
N GLN A 532 36.73 18.97 7.22
CA GLN A 532 37.39 19.80 6.21
C GLN A 532 36.50 20.93 5.71
N LYS A 533 35.19 20.73 5.63
CA LYS A 533 34.28 21.71 5.04
C LYS A 533 33.72 22.61 6.14
N ARG A 534 33.81 23.92 5.92
CA ARG A 534 33.36 24.91 6.90
C ARG A 534 32.03 25.54 6.56
N GLY A 535 31.70 25.70 5.28
CA GLY A 535 30.46 26.37 4.93
C GLY A 535 29.27 25.71 5.59
N LYS A 536 28.34 26.54 6.08
CA LYS A 536 27.20 26.00 6.83
C LYS A 536 26.36 25.05 5.98
N ASP A 537 26.15 25.40 4.71
CA ASP A 537 25.39 24.51 3.84
C ASP A 537 26.08 23.16 3.71
N ASN A 538 27.41 23.16 3.53
CA ASN A 538 28.14 21.90 3.48
C ASN A 538 28.03 21.15 4.80
N LYS A 539 28.08 21.87 5.92
CA LYS A 539 27.98 21.22 7.22
C LYS A 539 26.62 20.58 7.41
N ALA A 540 25.57 21.18 6.84
CA ALA A 540 24.24 20.58 6.91
C ALA A 540 24.15 19.37 6.00
N ILE A 541 24.68 19.46 4.78
CA ILE A 541 24.58 18.34 3.85
C ILE A 541 25.34 17.13 4.42
N ILE A 542 26.55 17.37 4.92
CA ILE A 542 27.34 16.28 5.47
C ILE A 542 26.64 15.71 6.70
N ALA A 543 26.11 16.57 7.57
CA ALA A 543 25.43 16.06 8.76
C ALA A 543 24.24 15.20 8.36
N SER A 544 23.46 15.65 7.39
CA SER A 544 22.29 14.90 6.95
C SER A 544 22.69 13.53 6.42
N ASN A 545 23.71 13.50 5.56
CA ASN A 545 24.13 12.22 5.01
C ASN A 545 24.64 11.28 6.09
N ILE A 546 25.47 11.79 7.00
CA ILE A 546 26.01 10.93 8.06
C ILE A 546 24.88 10.40 8.93
N MET A 547 23.89 11.25 9.22
CA MET A 547 22.72 10.80 9.96
C MET A 547 22.02 9.68 9.21
N TYR A 548 21.86 9.82 7.90
CA TYR A 548 21.18 8.78 7.14
C TYR A 548 21.94 7.46 7.22
N ILE A 549 23.26 7.53 7.08
CA ILE A 549 24.07 6.31 7.13
C ILE A 549 23.89 5.62 8.47
N VAL A 550 24.20 6.33 9.57
CA VAL A 550 24.08 5.70 10.87
C VAL A 550 22.64 5.31 11.16
N GLY A 551 21.67 5.97 10.53
CA GLY A 551 20.29 5.56 10.70
C GLY A 551 19.99 4.20 10.09
N GLN A 552 20.58 3.91 8.94
CA GLN A 552 20.28 2.67 8.24
C GLN A 552 21.12 1.48 8.70
N TYR A 553 22.07 1.67 9.60
CA TYR A 553 22.97 0.61 10.04
C TYR A 553 22.92 0.41 11.56
N PRO A 554 21.75 0.05 12.10
CA PRO A 554 21.72 -0.40 13.50
C PRO A 554 22.59 -1.60 13.76
N ARG A 555 22.76 -2.48 12.76
CA ARG A 555 23.63 -3.64 12.94
C ARG A 555 25.00 -3.23 13.42
N PHE A 556 25.57 -2.18 12.82
CA PHE A 556 26.88 -1.69 13.24
C PHE A 556 26.81 -1.06 14.62
N LEU A 557 25.78 -0.26 14.88
CA LEU A 557 25.72 0.48 16.14
C LEU A 557 25.65 -0.47 17.33
N ARG A 558 24.82 -1.51 17.23
CA ARG A 558 24.64 -2.40 18.38
C ARG A 558 25.91 -3.13 18.76
N ALA A 559 26.92 -3.16 17.88
CA ALA A 559 28.19 -3.80 18.18
C ALA A 559 29.24 -2.86 18.73
N HIS A 560 28.97 -1.55 18.76
CA HIS A 560 29.96 -0.56 19.20
C HIS A 560 29.25 0.48 20.07
N TRP A 561 29.32 0.28 21.39
CA TRP A 561 28.66 1.20 22.30
C TRP A 561 29.28 2.60 22.24
N LYS A 562 30.61 2.68 22.21
CA LYS A 562 31.26 3.99 22.24
C LYS A 562 30.79 4.85 21.07
N PHE A 563 30.79 4.28 19.87
CA PHE A 563 30.31 5.02 18.71
C PHE A 563 28.83 5.36 18.84
N LEU A 564 28.04 4.44 19.40
CA LEU A 564 26.61 4.72 19.55
C LEU A 564 26.39 5.93 20.44
N LYS A 565 27.10 5.97 21.57
CA LYS A 565 26.96 7.12 22.46
C LYS A 565 27.44 8.39 21.80
N THR A 566 28.56 8.33 21.07
CA THR A 566 29.02 9.52 20.37
C THR A 566 27.99 10.00 19.37
N VAL A 567 27.37 9.08 18.65
CA VAL A 567 26.35 9.44 17.68
C VAL A 567 25.18 10.11 18.37
N VAL A 568 24.73 9.53 19.49
CA VAL A 568 23.58 10.10 20.17
C VAL A 568 23.88 11.49 20.70
N ASN A 569 25.06 11.67 21.31
CA ASN A 569 25.42 12.98 21.82
C ASN A 569 25.50 14.01 20.69
N LYS A 570 26.12 13.65 19.58
CA LYS A 570 26.20 14.58 18.47
C LYS A 570 24.82 14.84 17.89
N LEU A 571 23.93 13.85 17.92
CA LEU A 571 22.57 14.06 17.47
C LEU A 571 21.85 15.07 18.34
N PHE A 572 22.02 14.97 19.66
CA PHE A 572 21.46 16.00 20.55
C PHE A 572 22.06 17.37 20.23
N GLU A 573 23.36 17.42 19.98
CA GLU A 573 23.95 18.71 19.57
C GLU A 573 23.30 19.23 18.30
N PHE A 574 22.93 18.34 17.38
CA PHE A 574 22.23 18.78 16.18
C PHE A 574 20.82 19.23 16.47
N MET A 575 20.17 18.65 17.50
CA MET A 575 18.82 19.06 17.83
C MET A 575 18.74 20.54 18.12
N HIS A 576 19.83 21.13 18.60
CA HIS A 576 19.90 22.57 18.82
C HIS A 576 20.20 23.35 17.55
N GLU A 577 20.64 22.68 16.49
CA GLU A 577 21.01 23.40 15.29
C GLU A 577 19.79 24.09 14.70
N THR A 578 19.97 25.33 14.28
CA THR A 578 18.85 26.17 13.88
C THR A 578 18.40 25.94 12.44
N HIS A 579 19.12 25.12 11.68
CA HIS A 579 18.83 25.03 10.26
C HIS A 579 17.45 24.41 10.02
N ASP A 580 16.90 24.72 8.85
CA ASP A 580 15.51 24.41 8.55
C ASP A 580 15.15 22.98 8.91
N GLY A 581 15.82 22.02 8.29
CA GLY A 581 15.41 20.62 8.39
C GLY A 581 16.34 19.72 9.17
N VAL A 582 17.45 20.26 9.66
CA VAL A 582 18.42 19.43 10.35
C VAL A 582 17.84 18.90 11.65
N GLN A 583 17.02 19.70 12.34
CA GLN A 583 16.40 19.23 13.57
C GLN A 583 15.48 18.05 13.32
N ASP A 584 14.66 18.14 12.27
CA ASP A 584 13.77 17.03 11.95
C ASP A 584 14.56 15.79 11.59
N MET A 585 15.63 15.95 10.81
CA MET A 585 16.51 14.84 10.51
C MET A 585 17.01 14.20 11.80
N ALA A 586 17.48 15.04 12.73
CA ALA A 586 18.07 14.52 13.95
C ALA A 586 17.05 13.74 14.76
N CYS A 587 15.84 14.27 14.91
CA CYS A 587 14.86 13.59 15.75
C CYS A 587 14.35 12.31 15.09
N ASP A 588 14.13 12.33 13.77
CA ASP A 588 13.74 11.12 13.08
C ASP A 588 14.81 10.04 13.20
N THR A 589 16.07 10.42 13.01
CA THR A 589 17.15 9.47 13.21
C THR A 589 17.21 9.01 14.65
N PHE A 590 16.86 9.88 15.59
CA PHE A 590 16.88 9.48 16.99
C PHE A 590 15.86 8.38 17.25
N ILE A 591 14.67 8.49 16.66
CA ILE A 591 13.74 7.36 16.72
C ILE A 591 14.35 6.12 16.08
N LYS A 592 14.89 6.27 14.87
CA LYS A 592 15.40 5.08 14.18
C LYS A 592 16.51 4.41 14.96
N ILE A 593 17.22 5.17 15.81
CA ILE A 593 18.23 4.57 16.67
C ILE A 593 17.59 3.91 17.87
N ALA A 594 16.81 4.67 18.64
CA ALA A 594 16.27 4.15 19.90
C ALA A 594 15.38 2.94 19.66
N GLN A 595 14.55 2.98 18.63
CA GLN A 595 13.62 1.88 18.37
C GLN A 595 14.37 0.57 18.15
N LYS A 596 15.46 0.61 17.39
CA LYS A 596 16.17 -0.59 17.00
C LYS A 596 17.33 -0.94 17.92
N CYS A 597 17.60 -0.12 18.94
CA CYS A 597 18.71 -0.38 19.86
C CYS A 597 18.29 -0.11 21.29
N ARG A 598 17.06 -0.51 21.63
CA ARG A 598 16.51 -0.15 22.94
C ARG A 598 17.42 -0.63 24.07
N ARG A 599 17.72 -1.92 24.10
CA ARG A 599 18.33 -2.51 25.29
C ARG A 599 19.66 -1.86 25.64
N HIS A 600 20.44 -1.44 24.63
CA HIS A 600 21.74 -0.85 24.91
C HIS A 600 21.62 0.41 25.74
N PHE A 601 20.51 1.15 25.61
CA PHE A 601 20.37 2.39 26.35
C PHE A 601 20.08 2.15 27.83
N VAL A 602 19.44 1.04 28.17
CA VAL A 602 18.96 0.83 29.53
C VAL A 602 19.94 -0.06 30.29
N GLN A 603 20.59 -0.97 29.60
CA GLN A 603 21.60 -1.82 30.22
C GLN A 603 22.91 -1.07 30.35
N VAL A 604 23.54 -1.16 31.53
CA VAL A 604 24.83 -0.52 31.73
C VAL A 604 25.84 -1.18 30.80
N GLN A 605 26.44 -0.38 29.93
CA GLN A 605 27.34 -0.91 28.92
C GLN A 605 28.77 -0.97 29.47
N VAL A 606 29.73 -1.31 28.61
CA VAL A 606 31.08 -1.60 29.06
C VAL A 606 31.73 -0.32 29.57
N GLY A 607 32.21 -0.36 30.80
CA GLY A 607 32.97 0.73 31.38
C GLY A 607 32.16 1.82 32.06
N GLU A 608 30.99 2.15 31.51
CA GLU A 608 30.22 3.25 32.07
C GLU A 608 29.56 2.82 33.38
N VAL A 609 29.09 3.82 34.13
CA VAL A 609 28.57 3.59 35.46
C VAL A 609 27.06 3.40 35.44
N MET A 610 26.35 4.20 34.66
CA MET A 610 24.89 4.29 34.75
C MET A 610 24.29 4.32 33.36
N PRO A 611 23.08 3.78 33.18
CA PRO A 611 22.52 3.66 31.84
C PRO A 611 22.34 5.00 31.15
N PHE A 612 22.43 4.96 29.81
CA PHE A 612 22.37 6.19 29.03
C PHE A 612 21.02 6.87 29.16
N ILE A 613 19.96 6.10 29.39
CA ILE A 613 18.63 6.68 29.54
C ILE A 613 18.65 7.74 30.64
N ASP A 614 19.43 7.53 31.70
CA ASP A 614 19.46 8.49 32.79
C ASP A 614 20.16 9.78 32.39
N GLU A 615 21.26 9.68 31.63
CA GLU A 615 21.87 10.89 31.09
C GLU A 615 20.93 11.62 30.15
N ILE A 616 20.02 10.90 29.49
CA ILE A 616 19.03 11.60 28.69
C ILE A 616 18.02 12.31 29.58
N LEU A 617 17.42 11.57 30.51
CA LEU A 617 16.33 12.13 31.31
C LEU A 617 16.81 13.30 32.16
N ASN A 618 17.98 13.19 32.78
CA ASN A 618 18.48 14.26 33.62
C ASN A 618 18.73 15.55 32.84
N ASN A 619 18.83 15.48 31.52
CA ASN A 619 19.08 16.67 30.71
C ASN A 619 18.00 16.85 29.64
N ILE A 620 16.84 16.22 29.83
CA ILE A 620 15.83 16.22 28.78
C ILE A 620 15.37 17.63 28.47
N ASN A 621 15.14 18.45 29.50
CA ASN A 621 14.62 19.79 29.25
C ASN A 621 15.59 20.58 28.38
N THR A 622 16.89 20.52 28.69
CA THR A 622 17.87 21.20 27.86
C THR A 622 17.88 20.61 26.46
N ILE A 623 17.79 19.29 26.35
CA ILE A 623 17.82 18.64 25.05
C ILE A 623 16.65 19.09 24.19
N ILE A 624 15.54 19.49 24.82
CA ILE A 624 14.32 19.83 24.08
C ILE A 624 14.12 21.33 24.10
N CYS A 625 15.21 22.08 24.25
CA CYS A 625 15.12 23.50 24.50
C CYS A 625 15.04 24.32 23.23
N ASP A 626 14.99 23.67 22.07
CA ASP A 626 14.86 24.37 20.80
C ASP A 626 13.92 23.66 19.84
N LEU A 627 13.33 22.53 20.23
CA LEU A 627 12.61 21.70 19.28
C LEU A 627 11.22 22.23 19.00
N GLN A 628 10.77 22.02 17.77
CA GLN A 628 9.40 22.31 17.41
C GLN A 628 8.48 21.25 18.04
N PRO A 629 7.25 21.62 18.42
CA PRO A 629 6.43 20.68 19.19
C PRO A 629 6.29 19.30 18.56
N GLN A 630 6.15 19.23 17.24
CA GLN A 630 6.10 17.92 16.60
C GLN A 630 7.38 17.16 16.85
N GLN A 631 8.52 17.85 16.76
CA GLN A 631 9.80 17.22 17.10
C GLN A 631 9.85 16.84 18.57
N VAL A 632 9.19 17.61 19.44
CA VAL A 632 9.15 17.24 20.85
C VAL A 632 8.44 15.91 21.03
N HIS A 633 7.28 15.76 20.37
CA HIS A 633 6.58 14.48 20.45
C HIS A 633 7.41 13.36 19.85
N THR A 634 8.11 13.65 18.76
CA THR A 634 9.02 12.66 18.17
C THR A 634 10.05 12.21 19.18
N PHE A 635 10.70 13.16 19.86
CA PHE A 635 11.74 12.84 20.82
C PHE A 635 11.18 12.08 22.01
N TYR A 636 9.99 12.45 22.47
CA TYR A 636 9.36 11.72 23.56
C TYR A 636 9.02 10.30 23.14
N GLU A 637 8.59 10.10 21.90
CA GLU A 637 8.35 8.73 21.44
C GLU A 637 9.65 7.93 21.43
N ALA A 638 10.74 8.53 20.98
CA ALA A 638 12.02 7.84 21.00
C ALA A 638 12.39 7.42 22.41
N VAL A 639 12.30 8.36 23.37
CA VAL A 639 12.61 8.02 24.75
C VAL A 639 11.64 6.97 25.26
N GLY A 640 10.40 7.01 24.80
CA GLY A 640 9.44 6.00 25.20
C GLY A 640 9.87 4.61 24.77
N TYR A 641 10.28 4.46 23.51
CA TYR A 641 10.88 3.19 23.10
C TYR A 641 12.06 2.81 23.99
N MET A 642 12.92 3.78 24.33
CA MET A 642 14.10 3.44 25.12
C MET A 642 13.71 2.88 26.49
N ILE A 643 12.71 3.49 27.11
CA ILE A 643 12.25 3.00 28.40
C ILE A 643 11.48 1.69 28.25
N GLY A 644 10.74 1.51 27.15
CA GLY A 644 9.87 0.37 27.02
C GLY A 644 10.58 -0.96 27.15
N ALA A 645 11.88 -0.99 26.86
CA ALA A 645 12.62 -2.24 26.91
C ALA A 645 13.08 -2.59 28.32
N GLN A 646 12.95 -1.68 29.28
CA GLN A 646 13.36 -1.97 30.65
C GLN A 646 12.38 -2.95 31.26
N THR A 647 12.80 -4.21 31.39
CA THR A 647 11.89 -5.26 31.83
C THR A 647 11.53 -5.11 33.30
N ASP A 648 12.46 -4.65 34.13
CA ASP A 648 12.21 -4.57 35.57
C ASP A 648 11.16 -3.50 35.84
N GLN A 649 9.98 -3.94 36.29
CA GLN A 649 8.88 -3.01 36.53
C GLN A 649 9.23 -2.00 37.61
N THR A 650 9.91 -2.44 38.67
CA THR A 650 10.23 -1.53 39.77
C THR A 650 11.12 -0.39 39.31
N VAL A 651 11.94 -0.61 38.29
CA VAL A 651 12.75 0.45 37.72
C VAL A 651 12.01 1.18 36.61
N GLN A 652 11.19 0.44 35.85
CA GLN A 652 10.46 1.07 34.75
C GLN A 652 9.49 2.13 35.27
N GLU A 653 8.90 1.90 36.44
CA GLU A 653 7.97 2.88 36.99
C GLU A 653 8.69 4.20 37.31
N HIS A 654 9.86 4.13 37.94
CA HIS A 654 10.60 5.34 38.23
C HIS A 654 11.08 6.02 36.94
N LEU A 655 11.50 5.21 35.97
CA LEU A 655 11.89 5.79 34.68
C LEU A 655 10.73 6.50 34.03
N ILE A 656 9.52 5.95 34.13
CA ILE A 656 8.35 6.61 33.56
C ILE A 656 8.06 7.90 34.30
N GLU A 657 8.12 7.86 35.64
CA GLU A 657 7.80 9.06 36.41
C GLU A 657 8.76 10.19 36.08
N LYS A 658 10.07 9.93 36.11
CA LYS A 658 11.03 10.95 35.68
C LYS A 658 10.81 11.32 34.22
N TYR A 659 10.45 10.34 33.40
CA TYR A 659 10.27 10.56 31.96
C TYR A 659 9.15 11.56 31.69
N MET A 660 8.07 11.46 32.45
CA MET A 660 6.90 12.30 32.23
C MET A 660 6.93 13.57 33.07
N LEU A 661 8.02 13.81 33.81
CA LEU A 661 8.00 14.81 34.86
C LEU A 661 7.72 16.21 34.32
N LEU A 662 8.31 16.57 33.19
CA LEU A 662 8.10 17.93 32.67
C LEU A 662 6.66 18.16 32.24
N PRO A 663 6.10 17.38 31.31
CA PRO A 663 4.69 17.57 30.99
C PRO A 663 3.78 17.34 32.18
N ASN A 664 4.16 16.49 33.13
CA ASN A 664 3.34 16.35 34.33
C ASN A 664 3.35 17.62 35.16
N GLN A 665 4.48 18.31 35.22
CA GLN A 665 4.51 19.61 35.90
C GLN A 665 3.59 20.61 35.20
N VAL A 666 3.66 20.65 33.87
CA VAL A 666 2.77 21.56 33.14
C VAL A 666 1.32 21.20 33.40
N TRP A 667 1.01 19.90 33.37
CA TRP A 667 -0.34 19.43 33.62
C TRP A 667 -0.82 19.83 35.01
N ASP A 668 0.03 19.64 36.02
CA ASP A 668 -0.35 19.99 37.38
C ASP A 668 -0.60 21.49 37.51
N SER A 669 0.25 22.29 36.86
CA SER A 669 0.02 23.73 36.87
C SER A 669 -1.34 24.07 36.28
N ILE A 670 -1.64 23.51 35.10
CA ILE A 670 -2.91 23.82 34.44
C ILE A 670 -4.08 23.37 35.28
N ILE A 671 -3.99 22.17 35.87
CA ILE A 671 -5.08 21.64 36.68
C ILE A 671 -5.30 22.50 37.92
N GLN A 672 -4.21 22.93 38.56
CA GLN A 672 -4.35 23.80 39.72
C GLN A 672 -5.02 25.11 39.32
N GLN A 673 -4.61 25.70 38.21
CA GLN A 673 -5.24 26.93 37.74
C GLN A 673 -6.72 26.72 37.48
N ALA A 674 -7.07 25.61 36.83
CA ALA A 674 -8.47 25.33 36.54
C ALA A 674 -9.27 25.15 37.82
N THR A 675 -8.70 24.45 38.80
CA THR A 675 -9.38 24.27 40.08
C THR A 675 -9.63 25.61 40.75
N LYS A 676 -8.64 26.51 40.70
CA LYS A 676 -8.86 27.85 41.22
C LYS A 676 -9.92 28.58 40.39
N ASN A 677 -9.89 28.40 39.07
CA ASN A 677 -10.90 29.00 38.21
C ASN A 677 -10.91 28.25 36.88
N VAL A 678 -12.06 27.67 36.53
CA VAL A 678 -12.17 26.91 35.29
C VAL A 678 -12.09 27.78 34.05
N ASP A 679 -12.23 29.10 34.20
CA ASP A 679 -12.19 29.98 33.05
C ASP A 679 -10.86 29.87 32.30
N ILE A 680 -9.81 29.40 32.98
CA ILE A 680 -8.52 29.28 32.33
C ILE A 680 -8.61 28.34 31.14
N LEU A 681 -9.54 27.38 31.18
CA LEU A 681 -9.66 26.45 30.07
C LEU A 681 -10.08 27.14 28.79
N LYS A 682 -10.71 28.31 28.88
CA LYS A 682 -11.11 29.05 27.70
C LYS A 682 -9.98 29.89 27.12
N ASP A 683 -8.83 29.97 27.79
CA ASP A 683 -7.68 30.70 27.25
C ASP A 683 -7.06 29.86 26.14
N PRO A 684 -6.90 30.40 24.92
CA PRO A 684 -6.33 29.58 23.85
C PRO A 684 -4.98 28.97 24.19
N GLU A 685 -4.12 29.70 24.90
CA GLU A 685 -2.82 29.16 25.24
C GLU A 685 -2.96 27.92 26.14
N THR A 686 -3.88 27.97 27.09
CA THR A 686 -4.07 26.82 27.96
C THR A 686 -4.53 25.61 27.17
N VAL A 687 -5.47 25.81 26.24
CA VAL A 687 -5.95 24.71 25.42
C VAL A 687 -4.83 24.16 24.57
N LYS A 688 -4.01 25.03 24.01
CA LYS A 688 -2.89 24.58 23.17
C LYS A 688 -1.90 23.76 23.99
N GLN A 689 -1.57 24.22 25.20
CA GLN A 689 -0.67 23.46 26.06
C GLN A 689 -1.27 22.11 26.43
N LEU A 690 -2.56 22.07 26.73
CA LEU A 690 -3.21 20.80 27.03
C LEU A 690 -3.15 19.87 25.83
N GLY A 691 -3.38 20.39 24.63
CA GLY A 691 -3.27 19.57 23.44
C GLY A 691 -1.87 19.01 23.28
N SER A 692 -0.86 19.84 23.47
CA SER A 692 0.51 19.36 23.36
C SER A 692 0.80 18.29 24.39
N ILE A 693 0.37 18.50 25.63
CA ILE A 693 0.63 17.53 26.69
C ILE A 693 -0.05 16.20 26.38
N LEU A 694 -1.29 16.26 25.90
CA LEU A 694 -2.01 15.02 25.59
C LEU A 694 -1.39 14.33 24.39
N LYS A 695 -0.91 15.07 23.40
CA LYS A 695 -0.21 14.44 22.29
C LYS A 695 1.05 13.73 22.78
N THR A 696 1.81 14.39 23.66
CA THR A 696 2.99 13.76 24.24
C THR A 696 2.61 12.49 24.98
N ASN A 697 1.52 12.55 25.76
CA ASN A 697 1.08 11.37 26.50
C ASN A 697 0.68 10.25 25.55
N VAL A 698 0.00 10.58 24.45
CA VAL A 698 -0.41 9.55 23.50
C VAL A 698 0.81 8.89 22.89
N ARG A 699 1.80 9.67 22.48
CA ARG A 699 2.98 9.08 21.87
C ARG A 699 3.76 8.25 22.88
N ALA A 700 3.87 8.74 24.10
CA ALA A 700 4.55 7.98 25.15
C ALA A 700 3.83 6.67 25.43
N CYS A 701 2.50 6.69 25.45
CA CYS A 701 1.75 5.45 25.62
C CYS A 701 1.97 4.51 24.46
N LYS A 702 1.93 5.04 23.23
CA LYS A 702 2.20 4.22 22.06
C LYS A 702 3.54 3.51 22.19
N ALA A 703 4.54 4.20 22.74
CA ALA A 703 5.86 3.61 22.85
C ALA A 703 5.94 2.62 24.02
N VAL A 704 5.62 3.08 25.23
CA VAL A 704 5.84 2.27 26.42
C VAL A 704 4.90 1.07 26.47
N GLY A 705 3.64 1.24 26.07
CA GLY A 705 2.69 0.14 26.12
C GLY A 705 2.02 0.00 27.47
N HIS A 706 1.76 -1.25 27.88
CA HIS A 706 0.99 -1.49 29.09
C HIS A 706 1.53 -0.78 30.33
N PRO A 707 2.83 -0.79 30.61
CA PRO A 707 3.32 -0.12 31.83
C PRO A 707 2.98 1.36 31.89
N PHE A 708 2.48 1.95 30.81
CA PHE A 708 2.11 3.35 30.84
C PHE A 708 0.97 3.63 31.82
N VAL A 709 0.26 2.59 32.26
CA VAL A 709 -0.80 2.78 33.24
C VAL A 709 -0.31 3.56 34.45
N ILE A 710 0.97 3.44 34.79
CA ILE A 710 1.52 4.18 35.92
C ILE A 710 1.34 5.67 35.72
N GLN A 711 1.63 6.16 34.52
CA GLN A 711 1.39 7.57 34.23
C GLN A 711 -0.09 7.86 34.03
N LEU A 712 -0.79 6.97 33.31
CA LEU A 712 -2.16 7.27 32.94
C LEU A 712 -3.05 7.44 34.16
N GLY A 713 -2.94 6.53 35.14
CA GLY A 713 -3.74 6.63 36.33
C GLY A 713 -3.46 7.87 37.14
N ARG A 714 -2.27 8.45 36.98
CA ARG A 714 -1.94 9.68 37.70
C ARG A 714 -2.84 10.82 37.28
N ILE A 715 -3.11 10.94 35.98
CA ILE A 715 -3.82 12.08 35.43
C ILE A 715 -5.20 11.72 34.92
N TYR A 716 -5.65 10.47 35.07
CA TYR A 716 -6.88 10.05 34.40
C TYR A 716 -8.08 10.88 34.83
N LEU A 717 -8.30 11.01 36.14
CA LEU A 717 -9.49 11.69 36.61
C LEU A 717 -9.49 13.16 36.20
N ASP A 718 -8.35 13.84 36.35
CA ASP A 718 -8.26 15.22 35.90
C ASP A 718 -8.47 15.33 34.39
N MET A 719 -7.98 14.35 33.65
CA MET A 719 -8.15 14.36 32.20
C MET A 719 -9.63 14.28 31.84
N LEU A 720 -10.38 13.40 32.51
CA LEU A 720 -11.80 13.31 32.22
C LEU A 720 -12.55 14.55 32.69
N ASN A 721 -12.13 15.15 33.81
CA ASN A 721 -12.74 16.40 34.23
C ASN A 721 -12.53 17.49 33.19
N VAL A 722 -11.31 17.59 32.65
CA VAL A 722 -11.04 18.55 31.59
C VAL A 722 -11.89 18.25 30.36
N TYR A 723 -12.03 16.96 30.03
CA TYR A 723 -12.88 16.60 28.91
C TYR A 723 -14.30 17.10 29.13
N LYS A 724 -14.83 16.91 30.33
CA LYS A 724 -16.18 17.37 30.62
C LYS A 724 -16.28 18.89 30.53
N CYS A 725 -15.29 19.60 31.05
CA CYS A 725 -15.33 21.07 31.01
C CYS A 725 -15.30 21.56 29.57
N LEU A 726 -14.41 21.01 28.74
CA LEU A 726 -14.38 21.40 27.34
C LEU A 726 -15.66 21.04 26.63
N SER A 727 -16.22 19.87 26.96
CA SER A 727 -17.50 19.49 26.40
C SER A 727 -18.56 20.55 26.69
N GLU A 728 -18.67 20.95 27.95
CA GLU A 728 -19.65 21.97 28.32
C GLU A 728 -19.37 23.28 27.58
N ASN A 729 -18.11 23.69 27.52
CA ASN A 729 -17.78 24.95 26.87
C ASN A 729 -18.21 24.95 25.41
N ILE A 730 -17.79 23.92 24.66
CA ILE A 730 -18.07 23.90 23.23
C ILE A 730 -19.57 23.70 22.99
N SER A 731 -20.23 22.89 23.81
CA SER A 731 -21.66 22.70 23.63
C SER A 731 -22.41 24.01 23.85
N ALA A 732 -22.05 24.75 24.90
CA ALA A 732 -22.70 26.03 25.15
C ALA A 732 -22.42 27.01 24.02
N ALA A 733 -21.18 27.03 23.53
CA ALA A 733 -20.84 27.94 22.44
C ALA A 733 -21.66 27.62 21.19
N ILE A 734 -21.78 26.34 20.86
CA ILE A 734 -22.56 25.96 19.67
C ILE A 734 -24.02 26.33 19.87
N GLN A 735 -24.57 26.02 21.05
CA GLN A 735 -25.97 26.33 21.30
C GLN A 735 -26.22 27.83 21.24
N ALA A 736 -25.24 28.64 21.64
CA ALA A 736 -25.47 30.08 21.69
C ALA A 736 -25.31 30.71 20.31
N ASN A 737 -24.25 30.35 19.57
CA ASN A 737 -23.91 31.06 18.36
C ASN A 737 -24.10 30.23 17.09
N GLY A 738 -24.38 28.94 17.20
CA GLY A 738 -24.75 28.13 16.06
C GLY A 738 -23.76 27.00 15.82
N GLU A 739 -24.07 26.21 14.79
CA GLU A 739 -23.26 25.05 14.47
C GLU A 739 -21.90 25.46 13.93
N MET A 740 -21.85 26.56 13.18
CA MET A 740 -20.59 26.93 12.56
C MET A 740 -19.55 27.30 13.59
N VAL A 741 -19.96 27.41 14.86
CA VAL A 741 -19.00 27.74 15.92
C VAL A 741 -17.87 26.72 15.90
N THR A 742 -18.15 25.51 15.43
CA THR A 742 -17.10 24.49 15.42
C THR A 742 -15.92 24.87 14.52
N LYS A 743 -16.12 25.81 13.59
CA LYS A 743 -15.06 26.24 12.71
C LYS A 743 -14.04 27.13 13.40
N GLN A 744 -14.40 27.71 14.54
CA GLN A 744 -13.52 28.68 15.20
C GLN A 744 -12.24 27.99 15.66
N PRO A 745 -11.09 28.66 15.55
CA PRO A 745 -9.84 28.00 15.96
C PRO A 745 -9.85 27.53 17.40
N LEU A 746 -10.41 28.32 18.32
CA LEU A 746 -10.41 27.90 19.72
C LEU A 746 -11.27 26.65 19.92
N ILE A 747 -12.44 26.62 19.29
CA ILE A 747 -13.29 25.44 19.39
C ILE A 747 -12.59 24.24 18.78
N ARG A 748 -11.89 24.45 17.67
CA ARG A 748 -11.16 23.35 17.04
C ARG A 748 -10.05 22.85 17.97
N SER A 749 -9.39 23.74 18.68
CA SER A 749 -8.37 23.31 19.63
C SER A 749 -8.98 22.51 20.77
N MET A 750 -10.13 22.95 21.28
CA MET A 750 -10.81 22.19 22.32
C MET A 750 -11.19 20.80 21.83
N ARG A 751 -11.71 20.73 20.60
CA ARG A 751 -12.06 19.43 20.04
C ARG A 751 -10.81 18.58 19.83
N THR A 752 -9.68 19.20 19.52
CA THR A 752 -8.43 18.46 19.44
C THR A 752 -8.05 17.89 20.81
N VAL A 753 -8.25 18.67 21.86
CA VAL A 753 -7.98 18.16 23.21
C VAL A 753 -8.83 16.94 23.49
N LYS A 754 -10.13 17.03 23.17
CA LYS A 754 -11.02 15.90 23.38
C LYS A 754 -10.58 14.69 22.56
N ARG A 755 -10.22 14.92 21.29
CA ARG A 755 -9.78 13.85 20.43
C ARG A 755 -8.54 13.17 20.99
N GLU A 756 -7.59 13.96 21.50
CA GLU A 756 -6.38 13.36 22.03
C GLU A 756 -6.64 12.62 23.34
N THR A 757 -7.56 13.10 24.16
CA THR A 757 -7.94 12.31 25.34
C THR A 757 -8.47 10.95 24.93
N LEU A 758 -9.41 10.94 23.98
CA LEU A 758 -9.97 9.66 23.55
C LEU A 758 -8.90 8.78 22.92
N LYS A 759 -8.01 9.37 22.12
CA LYS A 759 -6.95 8.59 21.50
C LYS A 759 -6.01 8.01 22.54
N LEU A 760 -5.70 8.77 23.59
CA LEU A 760 -4.84 8.25 24.64
C LEU A 760 -5.47 7.05 25.32
N ILE A 761 -6.76 7.16 25.68
CA ILE A 761 -7.42 6.03 26.32
C ILE A 761 -7.45 4.83 25.38
N SER A 762 -7.80 5.06 24.11
CA SER A 762 -7.84 3.96 23.15
C SER A 762 -6.47 3.31 23.01
N GLY A 763 -5.42 4.11 22.89
CA GLY A 763 -4.09 3.57 22.73
C GLY A 763 -3.69 2.71 23.91
N TRP A 764 -3.91 3.21 25.12
CA TRP A 764 -3.54 2.40 26.29
C TRP A 764 -4.35 1.12 26.34
N VAL A 765 -5.66 1.21 26.16
CA VAL A 765 -6.51 0.03 26.31
C VAL A 765 -6.15 -1.02 25.27
N SER A 766 -5.88 -0.59 24.04
CA SER A 766 -5.56 -1.55 22.99
C SER A 766 -4.33 -2.37 23.31
N ARG A 767 -3.46 -1.89 24.21
CA ARG A 767 -2.28 -2.64 24.62
C ARG A 767 -2.39 -3.22 26.03
N SER A 768 -3.43 -2.89 26.77
CA SER A 768 -3.59 -3.42 28.11
C SER A 768 -3.76 -4.93 28.07
N ASN A 769 -3.32 -5.59 29.14
CA ASN A 769 -3.38 -7.05 29.24
C ASN A 769 -4.07 -7.53 30.51
N ASP A 770 -4.79 -6.66 31.21
CA ASP A 770 -5.53 -7.03 32.42
C ASP A 770 -6.93 -6.42 32.34
N PRO A 771 -7.81 -6.99 31.51
CA PRO A 771 -9.12 -6.38 31.31
C PRO A 771 -9.92 -6.21 32.59
N GLN A 772 -9.71 -7.07 33.58
CA GLN A 772 -10.49 -6.96 34.81
C GLN A 772 -10.34 -5.58 35.44
N MET A 773 -9.10 -5.14 35.65
CA MET A 773 -8.89 -3.85 36.30
C MET A 773 -9.31 -2.70 35.39
N VAL A 774 -9.19 -2.87 34.07
CA VAL A 774 -9.68 -1.83 33.16
C VAL A 774 -11.17 -1.63 33.36
N ALA A 775 -11.92 -2.74 33.37
CA ALA A 775 -13.36 -2.65 33.56
C ALA A 775 -13.70 -2.07 34.92
N GLU A 776 -12.96 -2.47 35.95
CA GLU A 776 -13.27 -2.02 37.30
C GLU A 776 -13.06 -0.52 37.43
N ASN A 777 -11.89 -0.02 37.01
CA ASN A 777 -11.47 1.34 37.33
C ASN A 777 -11.71 2.34 36.21
N PHE A 778 -11.28 2.04 34.99
CA PHE A 778 -11.22 3.05 33.95
C PHE A 778 -12.55 3.24 33.24
N VAL A 779 -13.27 2.16 33.00
CA VAL A 779 -14.43 2.22 32.11
C VAL A 779 -15.53 3.14 32.65
N PRO A 780 -15.99 2.99 33.88
CA PRO A 780 -17.19 3.72 34.32
C PRO A 780 -17.00 5.23 34.25
N PRO A 781 -15.86 5.76 34.70
CA PRO A 781 -15.65 7.21 34.54
C PRO A 781 -15.68 7.63 33.08
N LEU A 782 -15.09 6.84 32.19
CA LEU A 782 -15.12 7.18 30.77
C LEU A 782 -16.55 7.23 30.26
N LEU A 783 -17.35 6.22 30.61
CA LEU A 783 -18.73 6.21 30.14
C LEU A 783 -19.47 7.44 30.63
N ASP A 784 -19.34 7.73 31.93
CA ASP A 784 -20.03 8.88 32.49
C ASP A 784 -19.61 10.17 31.81
N ALA A 785 -18.32 10.31 31.52
CA ALA A 785 -17.84 11.56 30.94
C ALA A 785 -18.20 11.70 29.47
N VAL A 786 -18.29 10.61 28.73
CA VAL A 786 -18.35 10.67 27.27
C VAL A 786 -19.76 10.50 26.73
N LEU A 787 -20.48 9.48 27.21
CA LEU A 787 -21.67 9.04 26.48
C LEU A 787 -22.71 10.15 26.40
N ILE A 788 -22.97 10.84 27.51
CA ILE A 788 -24.01 11.86 27.50
C ILE A 788 -23.61 12.98 26.54
N ASP A 789 -22.33 13.36 26.54
CA ASP A 789 -21.88 14.38 25.63
C ASP A 789 -22.13 13.96 24.19
N TYR A 790 -21.75 12.73 23.85
CA TYR A 790 -21.90 12.29 22.48
C TYR A 790 -23.36 12.30 22.07
N GLN A 791 -24.25 11.90 22.97
CA GLN A 791 -25.67 11.92 22.67
C GLN A 791 -26.17 13.34 22.45
N ARG A 792 -25.77 14.27 23.33
CA ARG A 792 -26.35 15.61 23.34
C ARG A 792 -25.83 16.50 22.22
N ASN A 793 -24.56 16.37 21.85
CA ASN A 793 -24.01 17.28 20.84
C ASN A 793 -24.62 17.04 19.47
N VAL A 794 -24.67 18.11 18.68
CA VAL A 794 -25.13 18.04 17.30
C VAL A 794 -24.08 17.32 16.47
N PRO A 795 -24.42 16.85 15.27
CA PRO A 795 -23.43 16.12 14.47
C PRO A 795 -22.13 16.89 14.26
N ALA A 796 -22.20 18.21 14.15
CA ALA A 796 -21.00 19.00 13.90
C ALA A 796 -20.00 18.95 15.05
N ALA A 797 -20.41 18.48 16.23
CA ALA A 797 -19.53 18.46 17.40
C ALA A 797 -19.48 17.08 18.04
N ARG A 798 -19.86 16.04 17.32
CA ARG A 798 -19.75 14.68 17.82
C ARG A 798 -18.39 14.11 17.42
N GLU A 799 -17.67 13.58 18.40
CA GLU A 799 -16.31 13.12 18.16
C GLU A 799 -16.34 11.66 17.73
N PRO A 800 -15.88 11.34 16.52
CA PRO A 800 -15.84 9.92 16.12
C PRO A 800 -14.92 9.08 16.96
N GLU A 801 -13.94 9.69 17.64
CA GLU A 801 -13.06 8.92 18.51
C GLU A 801 -13.81 8.27 19.65
N VAL A 802 -15.01 8.75 19.99
CA VAL A 802 -15.84 8.05 20.96
C VAL A 802 -16.18 6.66 20.44
N LEU A 803 -16.62 6.58 19.18
CA LEU A 803 -16.91 5.27 18.61
C LEU A 803 -15.67 4.40 18.53
N SER A 804 -14.53 4.98 18.13
CA SER A 804 -13.31 4.19 18.06
C SER A 804 -12.94 3.65 19.42
N THR A 805 -12.99 4.49 20.45
CA THR A 805 -12.67 4.04 21.79
C THR A 805 -13.62 2.96 22.26
N MET A 806 -14.91 3.10 21.96
CA MET A 806 -15.85 2.07 22.34
C MET A 806 -15.55 0.76 21.62
N ALA A 807 -15.20 0.83 20.34
CA ALA A 807 -14.81 -0.38 19.63
C ALA A 807 -13.61 -1.03 20.29
N ILE A 808 -12.58 -0.25 20.61
CA ILE A 808 -11.36 -0.81 21.17
C ILE A 808 -11.63 -1.42 22.55
N ILE A 809 -12.37 -0.69 23.38
CA ILE A 809 -12.64 -1.16 24.73
C ILE A 809 -13.49 -2.42 24.69
N VAL A 810 -14.49 -2.46 23.82
CA VAL A 810 -15.31 -3.67 23.70
C VAL A 810 -14.47 -4.83 23.21
N ASN A 811 -13.61 -4.60 22.22
CA ASN A 811 -12.76 -5.66 21.71
C ASN A 811 -11.89 -6.23 22.82
N LYS A 812 -11.30 -5.36 23.64
CA LYS A 812 -10.39 -5.86 24.65
C LYS A 812 -11.12 -6.51 25.82
N LEU A 813 -12.26 -5.96 26.24
CA LEU A 813 -12.89 -6.40 27.48
C LEU A 813 -13.88 -7.55 27.26
N GLY A 814 -14.64 -7.53 26.17
CA GLY A 814 -15.61 -8.58 25.94
C GLY A 814 -16.61 -8.70 27.07
N GLY A 815 -16.70 -9.89 27.67
CA GLY A 815 -17.70 -10.15 28.68
C GLY A 815 -17.64 -9.23 29.87
N HIS A 816 -16.49 -8.61 30.13
CA HIS A 816 -16.37 -7.73 31.27
C HIS A 816 -17.15 -6.43 31.10
N ILE A 817 -17.40 -6.02 29.86
CA ILE A 817 -18.12 -4.78 29.57
C ILE A 817 -19.52 -5.02 29.05
N THR A 818 -19.91 -6.29 28.84
CA THR A 818 -21.21 -6.57 28.24
C THR A 818 -22.35 -5.87 28.98
N ALA A 819 -22.26 -5.80 30.31
CA ALA A 819 -23.35 -5.19 31.08
C ALA A 819 -23.50 -3.72 30.74
N GLU A 820 -22.44 -3.07 30.27
CA GLU A 820 -22.50 -1.67 29.93
C GLU A 820 -22.97 -1.42 28.50
N ILE A 821 -23.06 -2.46 27.68
CA ILE A 821 -23.40 -2.26 26.27
C ILE A 821 -24.75 -1.59 26.10
N PRO A 822 -25.80 -1.94 26.85
CA PRO A 822 -27.09 -1.25 26.62
C PRO A 822 -27.00 0.25 26.74
N GLN A 823 -26.33 0.75 27.78
CA GLN A 823 -26.20 2.19 27.93
C GLN A 823 -25.45 2.78 26.75
N ILE A 824 -24.37 2.12 26.34
CA ILE A 824 -23.60 2.67 25.24
C ILE A 824 -24.49 2.78 24.01
N PHE A 825 -25.27 1.74 23.75
CA PHE A 825 -26.13 1.79 22.58
C PHE A 825 -27.26 2.78 22.80
N ASP A 826 -27.75 2.87 24.03
CA ASP A 826 -28.77 3.86 24.31
C ASP A 826 -28.26 5.24 23.95
N ALA A 827 -27.01 5.54 24.30
CA ALA A 827 -26.49 6.88 24.04
C ALA A 827 -26.01 7.06 22.61
N VAL A 828 -25.22 6.11 22.10
CA VAL A 828 -24.55 6.29 20.82
C VAL A 828 -25.42 5.86 19.64
N PHE A 829 -25.81 4.59 19.64
CA PHE A 829 -26.32 3.95 18.43
C PHE A 829 -27.34 4.79 17.68
N GLU A 830 -28.46 5.09 18.32
CA GLU A 830 -29.52 5.77 17.59
C GLU A 830 -29.07 7.14 17.12
N CYS A 831 -28.29 7.84 17.94
CA CYS A 831 -27.80 9.14 17.52
C CYS A 831 -26.90 9.03 16.30
N THR A 832 -25.96 8.07 16.32
CA THR A 832 -25.00 8.00 15.22
C THR A 832 -25.62 7.46 13.95
N LEU A 833 -26.54 6.50 14.05
CA LEU A 833 -27.09 5.88 12.85
C LEU A 833 -27.74 6.93 11.95
N ASN A 834 -28.49 7.87 12.54
CA ASN A 834 -29.17 8.86 11.73
C ASN A 834 -28.20 9.75 10.98
N MET A 835 -26.96 9.87 11.46
CA MET A 835 -25.97 10.66 10.73
C MET A 835 -25.47 9.92 9.50
N ILE A 836 -25.34 8.59 9.58
CA ILE A 836 -24.76 7.85 8.48
C ILE A 836 -25.72 7.75 7.30
N ASN A 837 -27.00 7.51 7.58
CA ASN A 837 -27.92 7.06 6.54
C ASN A 837 -28.17 8.13 5.49
N LYS A 838 -28.41 9.37 5.92
CA LYS A 838 -29.03 10.36 5.04
C LYS A 838 -28.15 10.65 3.81
N ASP A 839 -26.88 10.93 4.04
CA ASP A 839 -25.97 11.25 2.94
C ASP A 839 -24.63 10.57 3.21
N PHE A 840 -24.14 9.82 2.22
CA PHE A 840 -23.13 8.81 2.47
C PHE A 840 -21.78 9.45 2.79
N GLU A 841 -21.45 10.57 2.14
CA GLU A 841 -20.14 11.18 2.23
C GLU A 841 -19.98 12.10 3.43
N GLU A 842 -21.04 12.38 4.18
CA GLU A 842 -20.98 13.43 5.19
C GLU A 842 -20.01 13.08 6.31
N TYR A 843 -20.07 11.85 6.82
CA TYR A 843 -19.31 11.47 8.02
C TYR A 843 -18.65 10.12 7.81
N PRO A 844 -17.69 10.04 6.88
CA PRO A 844 -17.06 8.74 6.63
C PRO A 844 -16.36 8.16 7.85
N GLU A 845 -15.73 9.00 8.67
CA GLU A 845 -15.05 8.48 9.84
C GLU A 845 -16.04 7.95 10.87
N HIS A 846 -17.14 8.68 11.07
CA HIS A 846 -18.16 8.18 11.98
C HIS A 846 -18.73 6.86 11.49
N ARG A 847 -18.96 6.75 10.18
CA ARG A 847 -19.44 5.49 9.61
C ARG A 847 -18.47 4.35 9.90
N THR A 848 -17.18 4.58 9.63
CA THR A 848 -16.20 3.52 9.84
C THR A 848 -16.13 3.11 11.30
N ASN A 849 -16.04 4.08 12.21
CA ASN A 849 -15.96 3.74 13.62
C ASN A 849 -17.25 3.09 14.11
N PHE A 850 -18.39 3.51 13.57
CA PHE A 850 -19.66 2.90 13.92
C PHE A 850 -19.66 1.42 13.58
N PHE A 851 -19.29 1.06 12.35
CA PHE A 851 -19.31 -0.35 12.00
C PHE A 851 -18.21 -1.12 12.71
N LEU A 852 -17.09 -0.47 13.04
CA LEU A 852 -16.10 -1.14 13.88
C LEU A 852 -16.69 -1.49 15.24
N LEU A 853 -17.39 -0.53 15.85
CA LEU A 853 -18.03 -0.79 17.13
C LEU A 853 -19.05 -1.91 17.03
N LEU A 854 -19.88 -1.88 15.98
CA LEU A 854 -20.90 -2.89 15.84
C LEU A 854 -20.29 -4.27 15.65
N GLN A 855 -19.25 -4.37 14.81
CA GLN A 855 -18.59 -5.65 14.63
C GLN A 855 -17.98 -6.15 15.93
N ALA A 856 -17.32 -5.25 16.68
CA ALA A 856 -16.69 -5.66 17.92
C ALA A 856 -17.72 -6.16 18.92
N VAL A 857 -18.81 -5.43 19.08
CA VAL A 857 -19.81 -5.81 20.08
C VAL A 857 -20.51 -7.09 19.66
N ASN A 858 -20.75 -7.28 18.36
CA ASN A 858 -21.32 -8.53 17.90
C ASN A 858 -20.37 -9.70 18.15
N SER A 859 -19.08 -9.50 17.91
CA SER A 859 -18.14 -10.60 18.05
C SER A 859 -17.96 -11.00 19.51
N HIS A 860 -17.81 -10.02 20.40
CA HIS A 860 -17.38 -10.29 21.77
C HIS A 860 -18.46 -10.11 22.82
N CYS A 861 -19.57 -9.46 22.50
CA CYS A 861 -20.61 -9.18 23.48
C CYS A 861 -21.99 -9.39 22.88
N PHE A 862 -22.15 -10.48 22.14
CA PHE A 862 -23.43 -10.75 21.50
C PHE A 862 -24.60 -10.73 22.47
N PRO A 863 -24.52 -11.32 23.67
CA PRO A 863 -25.68 -11.34 24.56
C PRO A 863 -26.29 -9.97 24.81
N ALA A 864 -25.50 -8.91 24.60
CA ALA A 864 -26.03 -7.56 24.78
C ALA A 864 -27.22 -7.31 23.86
N PHE A 865 -27.17 -7.83 22.64
CA PHE A 865 -28.27 -7.63 21.71
C PHE A 865 -29.56 -8.25 22.24
N LEU A 866 -29.46 -9.29 23.07
CA LEU A 866 -30.65 -9.85 23.70
C LEU A 866 -31.12 -9.04 24.89
N ALA A 867 -30.27 -8.18 25.44
CA ALA A 867 -30.63 -7.33 26.57
C ALA A 867 -31.31 -6.05 26.13
N ILE A 868 -30.83 -5.43 25.06
CA ILE A 868 -31.38 -4.17 24.57
C ILE A 868 -32.82 -4.42 24.14
N PRO A 869 -33.69 -3.42 24.19
CA PRO A 869 -35.08 -3.65 23.81
C PRO A 869 -35.18 -4.05 22.36
N PRO A 870 -36.15 -4.90 22.00
CA PRO A 870 -36.24 -5.35 20.61
C PRO A 870 -36.45 -4.22 19.62
N THR A 871 -37.09 -3.13 20.03
CA THR A 871 -37.31 -2.03 19.12
C THR A 871 -35.98 -1.45 18.63
N GLN A 872 -34.93 -1.56 19.42
CA GLN A 872 -33.61 -1.08 19.01
C GLN A 872 -32.81 -2.16 18.29
N PHE A 873 -32.99 -3.42 18.65
CA PHE A 873 -32.42 -4.50 17.85
C PHE A 873 -32.94 -4.44 16.43
N LYS A 874 -34.17 -3.96 16.26
CA LYS A 874 -34.70 -3.69 14.92
C LYS A 874 -33.79 -2.72 14.18
N LEU A 875 -33.40 -1.64 14.83
CA LEU A 875 -32.50 -0.68 14.21
C LEU A 875 -31.13 -1.29 13.95
N VAL A 876 -30.66 -2.17 14.83
CA VAL A 876 -29.38 -2.83 14.60
C VAL A 876 -29.44 -3.63 13.31
N LEU A 877 -30.48 -4.45 13.15
CA LEU A 877 -30.59 -5.24 11.93
C LEU A 877 -30.79 -4.37 10.71
N ASP A 878 -31.56 -3.29 10.85
CA ASP A 878 -31.75 -2.38 9.73
C ASP A 878 -30.43 -1.75 9.31
N SER A 879 -29.61 -1.36 10.28
CA SER A 879 -28.31 -0.79 9.95
C SER A 879 -27.42 -1.82 9.26
N ILE A 880 -27.42 -3.07 9.74
CA ILE A 880 -26.60 -4.09 9.09
C ILE A 880 -27.06 -4.31 7.65
N ILE A 881 -28.38 -4.40 7.45
CA ILE A 881 -28.89 -4.61 6.10
C ILE A 881 -28.52 -3.44 5.22
N TRP A 882 -28.70 -2.22 5.72
CA TRP A 882 -28.24 -1.06 4.98
C TRP A 882 -26.75 -1.14 4.69
N ALA A 883 -26.00 -1.80 5.58
CA ALA A 883 -24.55 -1.87 5.42
C ALA A 883 -24.19 -2.73 4.23
N PHE A 884 -24.75 -3.94 4.13
CA PHE A 884 -24.32 -4.79 3.04
C PHE A 884 -24.98 -4.41 1.71
N LYS A 885 -26.17 -3.81 1.75
CA LYS A 885 -26.76 -3.24 0.55
C LYS A 885 -26.04 -2.00 0.08
N HIS A 886 -25.09 -1.49 0.87
CA HIS A 886 -24.33 -0.32 0.49
C HIS A 886 -23.60 -0.57 -0.84
N THR A 887 -23.19 0.53 -1.48
CA THR A 887 -22.46 0.45 -2.73
C THR A 887 -20.96 0.32 -2.53
N MET A 888 -20.38 1.10 -1.62
CA MET A 888 -18.93 1.09 -1.43
C MET A 888 -18.47 -0.28 -0.95
N ARG A 889 -17.32 -0.70 -1.46
CA ARG A 889 -16.85 -2.06 -1.22
C ARG A 889 -16.61 -2.33 0.26
N ASN A 890 -15.83 -1.48 0.91
CA ASN A 890 -15.37 -1.79 2.26
C ASN A 890 -16.55 -1.90 3.23
N VAL A 891 -17.47 -0.94 3.18
CA VAL A 891 -18.61 -0.95 4.08
C VAL A 891 -19.50 -2.15 3.81
N ALA A 892 -19.70 -2.50 2.54
CA ALA A 892 -20.51 -3.67 2.23
C ALA A 892 -19.87 -4.94 2.77
N ASP A 893 -18.55 -5.06 2.61
CA ASP A 893 -17.85 -6.23 3.14
C ASP A 893 -18.00 -6.32 4.64
N THR A 894 -17.83 -5.20 5.34
CA THR A 894 -17.99 -5.21 6.79
C THR A 894 -19.42 -5.58 7.17
N GLY A 895 -20.40 -5.08 6.43
CA GLY A 895 -21.77 -5.44 6.71
C GLY A 895 -22.02 -6.92 6.56
N LEU A 896 -21.51 -7.52 5.49
CA LEU A 896 -21.67 -8.96 5.29
C LEU A 896 -20.98 -9.75 6.40
N GLN A 897 -19.78 -9.33 6.79
CA GLN A 897 -19.07 -10.02 7.86
C GLN A 897 -19.89 -9.96 9.15
N ILE A 898 -20.40 -8.78 9.48
CA ILE A 898 -21.19 -8.63 10.71
C ILE A 898 -22.44 -9.49 10.63
N LEU A 899 -23.07 -9.54 9.46
CA LEU A 899 -24.29 -10.32 9.30
C LEU A 899 -24.02 -11.80 9.52
N PHE A 900 -22.94 -12.31 8.93
CA PHE A 900 -22.62 -13.72 9.09
C PHE A 900 -22.30 -14.05 10.53
N THR A 901 -21.53 -13.19 11.19
CA THR A 901 -21.21 -13.41 12.59
C THR A 901 -22.47 -13.38 13.44
N LEU A 902 -23.40 -12.48 13.12
CA LEU A 902 -24.65 -12.40 13.87
C LEU A 902 -25.46 -13.66 13.71
N LEU A 903 -25.54 -14.21 12.49
CA LEU A 903 -26.23 -15.47 12.30
C LEU A 903 -25.58 -16.58 13.12
N GLN A 904 -24.26 -16.70 13.04
CA GLN A 904 -23.58 -17.74 13.81
C GLN A 904 -23.89 -17.59 15.29
N ASN A 905 -23.85 -16.37 15.80
CA ASN A 905 -24.06 -16.16 17.23
C ASN A 905 -25.50 -16.47 17.62
N VAL A 906 -26.48 -15.93 16.90
CA VAL A 906 -27.87 -16.12 17.24
C VAL A 906 -28.26 -17.59 17.10
N ALA A 907 -27.51 -18.36 16.34
CA ALA A 907 -27.81 -19.78 16.21
C ALA A 907 -27.70 -20.52 17.53
N GLN A 908 -27.04 -19.94 18.54
CA GLN A 908 -26.71 -20.66 19.76
C GLN A 908 -27.69 -20.44 20.91
N GLU A 909 -28.58 -19.47 20.83
CA GLU A 909 -29.54 -19.20 21.88
C GLU A 909 -30.93 -19.60 21.42
N GLU A 910 -31.59 -20.46 22.20
CA GLU A 910 -32.78 -21.15 21.72
C GLU A 910 -33.94 -20.20 21.47
N ALA A 911 -34.43 -19.56 22.54
CA ALA A 911 -35.58 -18.66 22.39
C ALA A 911 -35.24 -17.49 21.49
N ALA A 912 -34.06 -16.90 21.69
CA ALA A 912 -33.64 -15.81 20.82
C ALA A 912 -33.55 -16.28 19.39
N ALA A 913 -33.02 -17.49 19.17
CA ALA A 913 -32.91 -18.01 17.81
C ALA A 913 -34.28 -18.09 17.15
N GLN A 914 -35.24 -18.71 17.84
CA GLN A 914 -36.56 -18.89 17.23
C GLN A 914 -37.23 -17.56 16.97
N SER A 915 -37.18 -16.64 17.94
CA SER A 915 -37.81 -15.34 17.75
C SER A 915 -37.15 -14.58 16.60
N PHE A 916 -35.82 -14.60 16.55
CA PHE A 916 -35.10 -13.93 15.47
C PHE A 916 -35.48 -14.51 14.12
N TYR A 917 -35.56 -15.84 14.03
CA TYR A 917 -35.95 -16.45 12.77
C TYR A 917 -37.33 -15.98 12.36
N GLN A 918 -38.31 -16.13 13.25
CA GLN A 918 -39.68 -15.75 12.91
C GLN A 918 -39.78 -14.28 12.53
N THR A 919 -38.96 -13.43 13.14
CA THR A 919 -39.10 -12.00 12.93
C THR A 919 -38.34 -11.48 11.72
N TYR A 920 -37.22 -12.11 11.36
CA TYR A 920 -36.31 -11.51 10.39
C TYR A 920 -35.81 -12.46 9.31
N PHE A 921 -35.84 -13.78 9.51
CA PHE A 921 -35.15 -14.69 8.61
C PHE A 921 -35.55 -14.45 7.15
N CYS A 922 -36.84 -14.37 6.88
CA CYS A 922 -37.27 -14.16 5.51
C CYS A 922 -36.87 -12.78 5.00
N ASP A 923 -36.90 -11.76 5.85
CA ASP A 923 -36.45 -10.43 5.42
C ASP A 923 -34.98 -10.44 5.05
N ILE A 924 -34.16 -11.04 5.90
CA ILE A 924 -32.72 -11.07 5.67
C ILE A 924 -32.43 -11.84 4.38
N LEU A 925 -33.09 -13.00 4.20
CA LEU A 925 -32.88 -13.77 2.98
C LEU A 925 -33.31 -12.99 1.76
N GLN A 926 -34.44 -12.28 1.85
CA GLN A 926 -34.91 -11.50 0.72
C GLN A 926 -33.91 -10.42 0.36
N HIS A 927 -33.35 -9.73 1.36
CA HIS A 927 -32.38 -8.69 1.06
C HIS A 927 -31.10 -9.29 0.48
N ILE A 928 -30.65 -10.43 0.99
CA ILE A 928 -29.45 -11.05 0.46
C ILE A 928 -29.63 -11.42 -1.00
N PHE A 929 -30.76 -12.04 -1.32
CA PHE A 929 -30.99 -12.38 -2.73
C PHE A 929 -31.20 -11.14 -3.58
N SER A 930 -31.79 -10.08 -3.01
CA SER A 930 -31.92 -8.84 -3.75
C SER A 930 -30.57 -8.29 -4.14
N VAL A 931 -29.63 -8.27 -3.20
CA VAL A 931 -28.31 -7.73 -3.50
C VAL A 931 -27.56 -8.66 -4.45
N VAL A 932 -27.70 -9.98 -4.27
CA VAL A 932 -26.98 -10.91 -5.15
C VAL A 932 -27.47 -10.79 -6.58
N THR A 933 -28.79 -10.83 -6.78
CA THR A 933 -29.34 -10.70 -8.12
C THR A 933 -29.03 -9.33 -8.70
N ASP A 934 -29.12 -8.28 -7.89
CA ASP A 934 -28.78 -6.94 -8.37
C ASP A 934 -27.31 -6.86 -8.78
N THR A 935 -26.46 -7.72 -8.24
CA THR A 935 -25.05 -7.82 -8.60
C THR A 935 -24.27 -6.57 -8.19
N SER A 936 -24.89 -5.64 -7.46
CA SER A 936 -24.21 -4.39 -7.15
C SER A 936 -22.96 -4.60 -6.31
N HIS A 937 -22.82 -5.74 -5.66
CA HIS A 937 -21.66 -6.04 -4.82
C HIS A 937 -21.15 -7.44 -5.13
N THR A 938 -20.94 -7.72 -6.42
CA THR A 938 -20.49 -9.04 -6.84
C THR A 938 -19.22 -9.48 -6.14
N ALA A 939 -18.35 -8.54 -5.80
CA ALA A 939 -17.06 -8.90 -5.22
C ALA A 939 -17.21 -9.76 -3.97
N GLY A 940 -18.26 -9.54 -3.18
CA GLY A 940 -18.49 -10.31 -1.97
C GLY A 940 -19.28 -11.58 -2.17
N LEU A 941 -19.39 -12.04 -3.42
CA LEU A 941 -20.22 -13.20 -3.71
C LEU A 941 -19.88 -14.42 -2.86
N THR A 942 -18.60 -14.60 -2.50
CA THR A 942 -18.27 -15.72 -1.63
C THR A 942 -18.97 -15.59 -0.29
N MET A 943 -18.96 -14.39 0.27
CA MET A 943 -19.65 -14.19 1.54
C MET A 943 -21.13 -14.42 1.34
N HIS A 944 -21.68 -13.92 0.23
CA HIS A 944 -23.09 -14.16 -0.01
C HIS A 944 -23.38 -15.65 -0.09
N ALA A 945 -22.54 -16.39 -0.80
CA ALA A 945 -22.79 -17.81 -0.87
C ALA A 945 -22.73 -18.43 0.50
N SER A 946 -21.73 -18.03 1.30
CA SER A 946 -21.62 -18.60 2.63
C SER A 946 -22.87 -18.29 3.42
N ILE A 947 -23.33 -17.05 3.36
CA ILE A 947 -24.48 -16.69 4.17
C ILE A 947 -25.68 -17.49 3.70
N LEU A 948 -25.88 -17.54 2.40
CA LEU A 948 -27.04 -18.27 1.90
C LEU A 948 -26.94 -19.73 2.26
N ALA A 949 -25.74 -20.30 2.10
CA ALA A 949 -25.58 -21.70 2.46
C ALA A 949 -25.86 -21.92 3.93
N TYR A 950 -25.39 -21.00 4.78
CA TYR A 950 -25.64 -21.18 6.20
C TYR A 950 -27.13 -21.21 6.46
N MET A 951 -27.87 -20.25 5.91
CA MET A 951 -29.31 -20.24 6.19
C MET A 951 -29.95 -21.49 5.63
N PHE A 952 -29.55 -21.88 4.43
CA PHE A 952 -30.16 -23.07 3.83
C PHE A 952 -29.86 -24.30 4.67
N ASN A 953 -28.67 -24.35 5.27
CA ASN A 953 -28.39 -25.48 6.14
C ASN A 953 -29.26 -25.44 7.39
N LEU A 954 -29.40 -24.26 8.01
CA LEU A 954 -30.19 -24.17 9.22
C LEU A 954 -31.64 -24.57 8.99
N VAL A 955 -32.22 -24.12 7.88
CA VAL A 955 -33.58 -24.55 7.57
C VAL A 955 -33.58 -26.03 7.20
N GLU A 956 -32.57 -26.47 6.45
CA GLU A 956 -32.55 -27.86 6.01
C GLU A 956 -32.39 -28.81 7.19
N GLU A 957 -31.53 -28.47 8.13
CA GLU A 957 -31.31 -29.31 9.31
C GLU A 957 -32.50 -29.31 10.26
N GLY A 958 -33.52 -28.48 10.01
CA GLY A 958 -34.67 -28.44 10.89
C GLY A 958 -34.47 -27.62 12.15
N LYS A 959 -33.37 -26.86 12.24
CA LYS A 959 -33.13 -26.06 13.43
C LYS A 959 -34.10 -24.90 13.57
N ILE A 960 -34.75 -24.49 12.47
CA ILE A 960 -35.85 -23.54 12.54
C ILE A 960 -37.11 -24.31 12.90
N SER A 961 -37.41 -24.41 14.20
CA SER A 961 -38.55 -25.20 14.63
C SER A 961 -39.85 -24.54 14.24
N THR A 962 -39.90 -23.21 14.30
CA THR A 962 -41.13 -22.50 13.97
C THR A 962 -41.41 -22.55 12.47
N SER A 963 -42.69 -22.55 12.13
CA SER A 963 -43.09 -22.46 10.73
C SER A 963 -42.89 -21.03 10.24
N LEU A 964 -42.11 -20.88 9.17
CA LEU A 964 -41.86 -19.54 8.63
C LEU A 964 -43.14 -18.91 8.10
N ASN A 965 -43.96 -19.70 7.41
CA ASN A 965 -45.25 -19.19 6.96
C ASN A 965 -46.19 -19.07 8.15
N PRO A 966 -46.77 -17.89 8.42
CA PRO A 966 -47.63 -17.77 9.60
C PRO A 966 -49.03 -18.32 9.36
N GLY A 967 -49.54 -18.16 8.14
CA GLY A 967 -50.93 -18.50 7.86
C GLY A 967 -51.13 -19.90 7.34
N ASN A 968 -50.07 -20.51 6.81
CA ASN A 968 -50.19 -21.81 6.16
C ASN A 968 -49.43 -22.86 6.96
N PRO A 969 -50.09 -23.93 7.41
CA PRO A 969 -49.33 -25.08 7.94
C PRO A 969 -48.60 -25.80 6.81
N VAL A 970 -47.27 -25.67 6.77
CA VAL A 970 -46.49 -26.15 5.64
C VAL A 970 -45.09 -26.48 6.12
N ASN A 971 -44.44 -27.41 5.40
CA ASN A 971 -43.06 -27.74 5.69
C ASN A 971 -42.17 -26.53 5.44
N ASN A 972 -41.13 -26.40 6.27
CA ASN A 972 -40.23 -25.26 6.14
C ASN A 972 -39.38 -25.35 4.87
N GLN A 973 -38.85 -26.54 4.57
CA GLN A 973 -38.00 -26.68 3.39
C GLN A 973 -38.75 -26.33 2.12
N ILE A 974 -39.91 -26.96 1.92
CA ILE A 974 -40.70 -26.68 0.73
C ILE A 974 -41.06 -25.21 0.67
N PHE A 975 -41.52 -24.65 1.79
CA PHE A 975 -41.90 -23.25 1.84
C PHE A 975 -40.77 -22.36 1.35
N LEU A 976 -39.59 -22.53 1.94
CA LEU A 976 -38.46 -21.72 1.51
C LEU A 976 -38.15 -21.94 0.05
N GLN A 977 -38.38 -23.17 -0.44
CA GLN A 977 -38.10 -23.43 -1.85
C GLN A 977 -38.99 -22.58 -2.75
N GLU A 978 -40.31 -22.59 -2.54
CA GLU A 978 -41.11 -21.78 -3.45
C GLU A 978 -40.92 -20.30 -3.17
N TYR A 979 -40.56 -19.94 -1.93
CA TYR A 979 -40.30 -18.53 -1.64
C TYR A 979 -39.10 -18.02 -2.43
N VAL A 980 -38.00 -18.75 -2.40
CA VAL A 980 -36.82 -18.34 -3.16
C VAL A 980 -37.10 -18.41 -4.65
N ALA A 981 -37.88 -19.41 -5.09
CA ALA A 981 -38.23 -19.49 -6.50
C ALA A 981 -39.03 -18.26 -6.94
N ASN A 982 -40.01 -17.85 -6.14
CA ASN A 982 -40.77 -16.65 -6.45
C ASN A 982 -39.89 -15.43 -6.45
N LEU A 983 -38.98 -15.33 -5.47
CA LEU A 983 -38.08 -14.18 -5.44
C LEU A 983 -37.24 -14.11 -6.71
N LEU A 984 -36.64 -15.23 -7.11
CA LEU A 984 -35.84 -15.26 -8.34
C LEU A 984 -36.69 -14.91 -9.55
N LYS A 985 -37.92 -15.41 -9.62
CA LYS A 985 -38.81 -15.06 -10.72
C LYS A 985 -39.08 -13.57 -10.74
N SER A 986 -39.29 -12.96 -9.57
CA SER A 986 -39.51 -11.52 -9.50
C SER A 986 -38.29 -10.76 -9.97
N ALA A 987 -37.09 -11.20 -9.56
CA ALA A 987 -35.88 -10.51 -9.97
C ALA A 987 -35.68 -10.60 -11.48
N PHE A 988 -35.94 -11.76 -12.07
CA PHE A 988 -35.74 -12.01 -13.49
C PHE A 988 -37.00 -12.65 -14.05
N PRO A 989 -37.97 -11.85 -14.50
CA PRO A 989 -39.26 -12.43 -14.92
C PRO A 989 -39.16 -13.37 -16.10
N HIS A 990 -38.09 -13.31 -16.89
CA HIS A 990 -37.99 -14.13 -18.09
C HIS A 990 -37.59 -15.57 -17.79
N LEU A 991 -37.17 -15.88 -16.58
CA LEU A 991 -36.79 -17.25 -16.25
C LEU A 991 -38.02 -18.16 -16.27
N GLN A 992 -37.82 -19.38 -16.75
CA GLN A 992 -38.89 -20.36 -16.83
C GLN A 992 -39.01 -21.13 -15.52
N ASP A 993 -40.21 -21.67 -15.28
CA ASP A 993 -40.50 -22.33 -14.02
C ASP A 993 -39.59 -23.52 -13.78
N ALA A 994 -39.42 -24.37 -14.80
CA ALA A 994 -38.59 -25.56 -14.63
C ALA A 994 -37.14 -25.19 -14.36
N GLN A 995 -36.63 -24.18 -15.06
CA GLN A 995 -35.24 -23.75 -14.83
C GLN A 995 -35.04 -23.34 -13.38
N VAL A 996 -35.93 -22.50 -12.85
CA VAL A 996 -35.80 -22.04 -11.48
C VAL A 996 -35.95 -23.20 -10.51
N LYS A 997 -36.88 -24.12 -10.79
CA LYS A 997 -37.05 -25.28 -9.93
C LYS A 997 -35.76 -26.10 -9.85
N LEU A 998 -35.16 -26.38 -11.00
CA LEU A 998 -33.91 -27.13 -11.02
C LEU A 998 -32.81 -26.39 -10.28
N PHE A 999 -32.71 -25.07 -10.51
CA PHE A 999 -31.67 -24.31 -9.84
C PHE A 999 -31.83 -24.33 -8.34
N VAL A 1000 -33.05 -24.15 -7.85
CA VAL A 1000 -33.26 -24.13 -6.41
C VAL A 1000 -33.00 -25.51 -5.81
N THR A 1001 -33.42 -26.57 -6.50
CA THR A 1001 -33.14 -27.91 -5.99
C THR A 1001 -31.64 -28.15 -5.89
N GLY A 1002 -30.88 -27.76 -6.91
CA GLY A 1002 -29.44 -27.92 -6.84
C GLY A 1002 -28.85 -27.08 -5.73
N LEU A 1003 -29.30 -25.84 -5.60
CA LEU A 1003 -28.72 -24.96 -4.60
C LEU A 1003 -28.93 -25.56 -3.21
N PHE A 1004 -30.14 -26.07 -2.96
CA PHE A 1004 -30.40 -26.69 -1.66
C PHE A 1004 -29.51 -27.89 -1.48
N SER A 1005 -29.32 -28.69 -2.54
CA SER A 1005 -28.48 -29.88 -2.43
C SER A 1005 -27.04 -29.53 -2.13
N LEU A 1006 -26.62 -28.29 -2.42
CA LEU A 1006 -25.24 -27.87 -2.22
C LEU A 1006 -25.05 -27.04 -0.96
N ASN A 1007 -26.02 -27.01 -0.05
CA ASN A 1007 -25.90 -26.25 1.18
C ASN A 1007 -24.73 -26.71 2.05
N GLN A 1008 -24.26 -27.94 1.88
CA GLN A 1008 -23.21 -28.49 2.74
C GLN A 1008 -21.80 -28.20 2.25
N ASP A 1009 -21.62 -27.63 1.06
CA ASP A 1009 -20.30 -27.49 0.45
C ASP A 1009 -20.18 -26.06 -0.09
N ILE A 1010 -19.44 -25.22 0.62
CA ILE A 1010 -19.40 -23.80 0.28
C ILE A 1010 -18.84 -23.56 -1.11
N PRO A 1011 -17.70 -24.14 -1.50
CA PRO A 1011 -17.22 -23.88 -2.87
C PRO A 1011 -18.18 -24.37 -3.94
N ALA A 1012 -18.76 -25.55 -3.75
CA ALA A 1012 -19.72 -26.06 -4.73
C ALA A 1012 -20.94 -25.17 -4.81
N PHE A 1013 -21.45 -24.73 -3.66
CA PHE A 1013 -22.58 -23.80 -3.63
C PHE A 1013 -22.23 -22.52 -4.39
N LYS A 1014 -21.04 -21.98 -4.12
CA LYS A 1014 -20.61 -20.76 -4.78
C LYS A 1014 -20.57 -20.95 -6.29
N GLU A 1015 -19.96 -22.03 -6.75
CA GLU A 1015 -19.84 -22.23 -8.19
C GLU A 1015 -21.18 -22.50 -8.84
N HIS A 1016 -22.09 -23.17 -8.13
CA HIS A 1016 -23.43 -23.39 -8.68
C HIS A 1016 -24.16 -22.07 -8.85
N LEU A 1017 -24.15 -21.24 -7.81
CA LEU A 1017 -24.79 -19.94 -7.90
C LEU A 1017 -24.15 -19.09 -8.99
N ARG A 1018 -22.81 -19.12 -9.07
CA ARG A 1018 -22.13 -18.33 -10.09
C ARG A 1018 -22.50 -18.80 -11.48
N ASP A 1019 -22.58 -20.12 -11.69
CA ASP A 1019 -22.95 -20.63 -13.01
C ASP A 1019 -24.36 -20.19 -13.40
N PHE A 1020 -25.30 -20.27 -12.45
CA PHE A 1020 -26.65 -19.82 -12.72
C PHE A 1020 -26.68 -18.34 -13.06
N LEU A 1021 -25.96 -17.52 -12.31
CA LEU A 1021 -25.95 -16.10 -12.58
C LEU A 1021 -25.27 -15.81 -13.91
N VAL A 1022 -24.22 -16.58 -14.24
CA VAL A 1022 -23.51 -16.38 -15.50
C VAL A 1022 -24.43 -16.68 -16.68
N GLN A 1023 -25.18 -17.78 -16.61
CA GLN A 1023 -26.07 -18.09 -17.72
C GLN A 1023 -27.19 -17.06 -17.80
N ILE A 1024 -27.62 -16.48 -16.68
CA ILE A 1024 -28.56 -15.36 -16.75
C ILE A 1024 -27.93 -14.19 -17.49
N LYS A 1025 -26.68 -13.86 -17.17
CA LYS A 1025 -25.99 -12.78 -17.88
C LYS A 1025 -25.90 -13.08 -19.38
N GLU A 1026 -25.53 -14.32 -19.73
CA GLU A 1026 -25.39 -14.67 -21.13
C GLU A 1026 -26.72 -14.55 -21.86
N PHE A 1027 -27.81 -14.95 -21.22
CA PHE A 1027 -29.12 -14.69 -21.80
C PHE A 1027 -29.32 -13.19 -22.00
N ALA A 1028 -28.94 -12.39 -21.02
CA ALA A 1028 -29.01 -10.94 -21.14
C ALA A 1028 -27.89 -10.37 -21.98
N GLY A 1029 -26.89 -11.17 -22.35
CA GLY A 1029 -25.75 -10.64 -23.07
C GLY A 1029 -24.88 -9.71 -22.25
N GLU A 1030 -24.91 -9.83 -20.93
CA GLU A 1030 -24.21 -8.92 -20.06
C GLU A 1030 -22.77 -9.38 -19.81
N ASP A 1031 -21.90 -8.41 -19.50
CA ASP A 1031 -20.51 -8.73 -19.23
C ASP A 1031 -20.39 -9.57 -17.96
N THR A 1032 -19.68 -10.69 -18.06
CA THR A 1032 -19.48 -11.60 -16.95
C THR A 1032 -18.12 -11.45 -16.29
N SER A 1033 -17.30 -10.51 -16.74
CA SER A 1033 -15.94 -10.41 -16.22
C SER A 1033 -15.93 -10.08 -14.74
N ASP A 1034 -16.74 -9.11 -14.32
CA ASP A 1034 -16.74 -8.67 -12.94
C ASP A 1034 -17.30 -9.73 -11.99
N LEU A 1035 -18.06 -10.69 -12.51
CA LEU A 1035 -18.59 -11.75 -11.66
C LEU A 1035 -17.51 -12.70 -11.16
N PHE A 1036 -16.31 -12.67 -11.75
CA PHE A 1036 -15.17 -13.39 -11.22
C PHE A 1036 -14.16 -12.43 -10.58
N LEU A 1037 -14.60 -11.23 -10.23
CA LEU A 1037 -13.67 -10.21 -9.75
C LEU A 1037 -12.89 -10.70 -8.54
N GLU A 1038 -13.56 -11.35 -7.60
CA GLU A 1038 -12.84 -11.77 -6.39
C GLU A 1038 -11.76 -12.77 -6.75
N GLU A 1039 -12.04 -13.66 -7.70
CA GLU A 1039 -11.03 -14.64 -8.07
C GLU A 1039 -9.82 -13.94 -8.64
N ARG A 1040 -10.04 -12.96 -9.51
CA ARG A 1040 -8.89 -12.26 -10.07
C ARG A 1040 -8.19 -11.46 -8.99
N GLU A 1041 -8.96 -10.87 -8.09
CA GLU A 1041 -8.32 -10.16 -6.98
C GLU A 1041 -7.52 -11.14 -6.12
N ILE A 1042 -8.05 -12.34 -5.91
CA ILE A 1042 -7.30 -13.33 -5.16
C ILE A 1042 -6.00 -13.64 -5.87
N ALA A 1043 -6.05 -13.78 -7.20
CA ALA A 1043 -4.82 -14.06 -7.93
C ALA A 1043 -3.83 -12.94 -7.72
N LEU A 1044 -4.28 -11.68 -7.82
CA LEU A 1044 -3.35 -10.59 -7.62
C LEU A 1044 -2.78 -10.62 -6.22
N ARG A 1045 -3.62 -10.87 -5.22
CA ARG A 1045 -3.09 -10.90 -3.87
C ARG A 1045 -2.10 -12.04 -3.72
N GLN A 1046 -2.41 -13.18 -4.33
CA GLN A 1046 -1.47 -14.29 -4.22
C GLN A 1046 -0.15 -13.93 -4.86
N ALA A 1047 -0.19 -13.28 -6.02
CA ALA A 1047 1.06 -12.91 -6.65
C ALA A 1047 1.81 -11.92 -5.79
N ASP A 1048 1.11 -10.95 -5.23
CA ASP A 1048 1.81 -9.98 -4.40
C ASP A 1048 2.41 -10.68 -3.19
N GLU A 1049 1.66 -11.59 -2.56
CA GLU A 1049 2.23 -12.25 -1.41
C GLU A 1049 3.43 -13.09 -1.80
N GLU A 1050 3.37 -13.73 -2.98
CA GLU A 1050 4.53 -14.49 -3.40
C GLU A 1050 5.73 -13.57 -3.59
N LYS A 1051 5.52 -12.40 -4.20
CA LYS A 1051 6.64 -11.49 -4.35
C LYS A 1051 7.19 -11.11 -2.99
N HIS A 1052 6.30 -10.78 -2.05
CA HIS A 1052 6.79 -10.43 -0.73
C HIS A 1052 7.54 -11.58 -0.11
N LYS A 1053 7.01 -12.80 -0.24
CA LYS A 1053 7.71 -13.96 0.29
C LYS A 1053 9.10 -14.04 -0.29
N ARG A 1054 9.24 -13.83 -1.60
CA ARG A 1054 10.56 -13.91 -2.21
C ARG A 1054 11.48 -12.82 -1.69
N GLN A 1055 10.97 -11.58 -1.54
CA GLN A 1055 11.87 -10.50 -1.14
C GLN A 1055 12.44 -10.73 0.26
N MET A 1056 11.62 -11.18 1.20
CA MET A 1056 12.13 -11.42 2.54
C MET A 1056 13.27 -12.44 2.52
N SER A 1057 13.30 -13.31 1.50
CA SER A 1057 14.39 -14.26 1.40
C SER A 1057 15.70 -13.64 0.96
N VAL A 1058 15.70 -12.38 0.55
CA VAL A 1058 16.90 -11.72 0.05
C VAL A 1058 17.29 -10.62 1.03
N PRO A 1059 18.28 -10.83 1.88
CA PRO A 1059 18.62 -9.80 2.87
C PRO A 1059 18.95 -8.48 2.21
N GLY A 1060 18.51 -7.39 2.83
CA GLY A 1060 18.83 -6.05 2.41
C GLY A 1060 17.77 -5.37 1.56
N ILE A 1061 16.84 -6.13 0.98
CA ILE A 1061 15.80 -5.51 0.17
C ILE A 1061 14.87 -4.66 1.03
N PHE A 1062 14.62 -5.11 2.26
CA PHE A 1062 13.84 -4.34 3.22
C PHE A 1062 14.75 -3.68 4.24
N ASN A 1063 14.40 -2.47 4.66
CA ASN A 1063 15.22 -1.76 5.61
C ASN A 1063 15.25 -2.51 6.94
N PRO A 1064 16.30 -2.33 7.74
CA PRO A 1064 16.27 -2.89 9.10
C PRO A 1064 15.10 -2.37 9.92
N HIS A 1065 14.60 -1.19 9.60
CA HIS A 1065 13.44 -0.62 10.27
C HIS A 1065 12.12 -1.07 9.65
N GLU A 1066 12.16 -2.04 8.75
CA GLU A 1066 10.96 -2.53 8.07
C GLU A 1066 10.70 -4.00 8.32
N ILE A 1067 11.73 -4.82 8.47
CA ILE A 1067 11.49 -6.26 8.69
C ILE A 1067 10.83 -6.46 10.05
N PRO A 1068 9.78 -7.29 10.14
CA PRO A 1068 9.27 -7.64 11.47
C PRO A 1068 10.24 -8.50 12.27
N GLU A 1069 11.11 -9.24 11.61
CA GLU A 1069 12.01 -10.16 12.28
C GLU A 1069 13.14 -9.39 12.97
N GLU A 1070 12.78 -8.64 14.01
CA GLU A 1070 13.77 -7.87 14.76
C GLU A 1070 14.72 -8.80 15.49
N MET A 1071 16.01 -8.73 15.14
CA MET A 1071 17.02 -9.54 15.81
C MET A 1071 17.18 -9.09 17.25
N CYS A 1072 17.65 -10.00 18.09
CA CYS A 1072 17.74 -9.76 19.52
C CYS A 1072 18.51 -8.47 19.82
N ASP A 1073 18.32 -7.94 21.03
CA ASP A 1073 18.91 -6.66 21.41
C ASP A 1073 18.42 -5.57 20.48
C10 V6A B . 29.56 16.89 11.12
C11 V6A B . 31.91 17.32 11.85
C12 V6A B . 31.92 18.46 12.84
C13 V6A B . 32.12 17.85 14.24
C14 V6A B . 34.09 20.42 16.24
C15 V6A B . 34.59 19.64 17.27
C16 V6A B . 35.30 21.54 18.35
C17 V6A B . 34.81 22.31 17.32
C01 V6A B . 28.87 11.82 14.09
C02 V6A B . 27.52 11.56 13.99
C03 V6A B . 26.71 12.44 13.31
C04 V6A B . 27.24 13.57 12.72
C05 V6A B . 28.60 13.82 12.83
C06 V6A B . 29.41 12.94 13.52
C07 V6A B . 29.79 10.86 14.84
C08 V6A B . 25.22 12.18 13.18
C09 V6A B . 29.21 15.06 12.21
F01 V6A B . 30.31 9.95 13.97
F02 V6A B . 29.07 10.23 15.80
F03 V6A B . 30.79 11.58 15.41
F04 V6A B . 24.92 11.51 12.03
F05 V6A B . 24.82 11.43 14.24
F06 V6A B . 24.55 13.36 13.22
N01 V6A B . 28.66 15.94 11.38
N02 V6A B . 30.65 16.60 11.80
N03 V6A B . 30.43 15.47 12.47
N04 V6A B . 32.85 18.52 15.30
N05 V6A B . 33.44 19.79 15.11
N06 V6A B . 35.19 20.22 18.31
N07 V6A B . 34.21 21.74 16.29
O01 V6A B . 31.64 16.79 14.46
H1 V6A B . 29.41 17.74 10.47
H2 V6A B . 32.84 16.80 11.64
H4 V6A B . 31.00 19.04 12.80
H5 V6A B . 32.73 19.16 12.62
H6 V6A B . 34.50 18.57 17.24
H7 V6A B . 35.79 22.00 19.20
H8 V6A B . 34.90 23.39 17.36
H9 V6A B . 27.10 10.67 14.44
H10 V6A B . 26.61 14.27 12.19
H11 V6A B . 30.47 13.14 13.60
H12 V6A B . 32.94 18.06 16.17
H13 V6A B . 33.39 20.25 14.23
#